data_2D4Y
#
_entry.id   2D4Y
#
_cell.length_a   88.928
_cell.length_b   99.697
_cell.length_c   109.645
_cell.angle_alpha   90.00
_cell.angle_beta   90.00
_cell.angle_gamma   90.00
#
_symmetry.space_group_name_H-M   'P 21 21 21'
#
loop_
_entity.id
_entity.type
_entity.pdbx_description
1 polymer 'Flagellar hook-associated protein 1'
2 water water
#
_entity_poly.entity_id   1
_entity_poly.type   'polypeptide(L)'
_entity_poly.pdbx_seq_one_letter_code
;MEYDAFITNQLRGAQNQSSGLTTRYEQMSKIDNLLADKSSSLSGSLQSFFTSLQTLVSNAEDPAARQALIGKAEGLVNQF
KTTDQYLRDQDKQVNIAIGSSVAQINNYAKQIANLNDQISRMTGVGAGASPNDLLDQRDQLVSELNKIVGVEVSVQDGGT
YNLTMANGYTLVQGSTARQLAAVPSSADPTRTTVAYVDEAAGNIEIPEKLLNTGSLGGLLTFRSQDLDQTRNTLGQLALA
FADAFNAQHTKGYDADGNKGKDFFSIGSPVVYSNSNNADKTVSLTAKVVDSTKVQATDYKIVFDGTDWQVTRTADNTTFT
ATKDADGKLEIDGLKVTVGTGAQKNDSFLLKPVSNAIVDMNVKVTNEAEIAMASESKLDPDVDTGDSDNRNGQALLDLQN
SNVVGGNKTFNDAYATLVSDVGNKTSTLKTSSTTQANVVKQLYKQQQSVSGVNLDEEYGNLQR
;
_entity_poly.pdbx_strand_id   A,B
#
# COMPACT_ATOMS: atom_id res chain seq x y z
N ASP A 4 15.25 -20.99 -15.30
CA ASP A 4 14.76 -20.10 -16.39
C ASP A 4 13.24 -19.89 -16.37
N ALA A 5 12.51 -20.97 -16.10
CA ALA A 5 11.05 -20.87 -16.00
C ALA A 5 10.71 -19.92 -14.89
N PHE A 6 11.42 -20.05 -13.77
CA PHE A 6 11.18 -19.20 -12.61
C PHE A 6 11.49 -17.76 -12.94
N ILE A 7 12.53 -17.58 -13.75
CA ILE A 7 12.98 -16.26 -14.13
C ILE A 7 11.91 -15.55 -14.95
N THR A 8 11.35 -16.25 -15.93
CA THR A 8 10.34 -15.67 -16.79
C THR A 8 9.10 -15.29 -15.98
N ASN A 9 8.73 -16.19 -15.07
CA ASN A 9 7.56 -15.98 -14.23
C ASN A 9 7.72 -14.73 -13.39
N GLN A 10 8.86 -14.62 -12.72
CA GLN A 10 9.16 -13.49 -11.86
C GLN A 10 9.14 -12.20 -12.70
N LEU A 11 9.74 -12.24 -13.88
CA LEU A 11 9.72 -11.09 -14.77
C LEU A 11 8.27 -10.68 -15.13
N ARG A 12 7.44 -11.65 -15.46
CA ARG A 12 6.05 -11.39 -15.80
C ARG A 12 5.27 -10.75 -14.66
N GLY A 13 5.47 -11.30 -13.46
CA GLY A 13 4.88 -10.77 -12.24
C GLY A 13 5.29 -9.33 -11.99
N ALA A 14 6.57 -9.05 -12.22
CA ALA A 14 7.08 -7.69 -12.01
C ALA A 14 6.59 -6.69 -13.06
N GLN A 15 6.46 -7.12 -14.31
CA GLN A 15 5.95 -6.24 -15.37
C GLN A 15 4.49 -5.86 -15.06
N ASN A 16 3.72 -6.84 -14.62
CA ASN A 16 2.31 -6.64 -14.24
C ASN A 16 2.18 -5.63 -13.10
N GLN A 17 2.96 -5.84 -12.04
CA GLN A 17 2.99 -4.91 -10.92
C GLN A 17 3.41 -3.54 -11.40
N SER A 18 4.48 -3.49 -12.18
CA SER A 18 4.98 -2.23 -12.71
C SER A 18 3.94 -1.47 -13.59
N SER A 19 3.26 -2.17 -14.48
CA SER A 19 2.25 -1.57 -15.32
C SER A 19 1.17 -0.86 -14.49
N GLY A 20 0.76 -1.52 -13.41
CA GLY A 20 -0.26 -1.00 -12.52
C GLY A 20 0.17 0.23 -11.76
N LEU A 21 1.37 0.18 -11.19
CA LEU A 21 1.87 1.31 -10.41
C LEU A 21 2.11 2.49 -11.28
N THR A 22 2.67 2.22 -12.45
CA THR A 22 3.04 3.27 -13.36
C THR A 22 1.80 3.98 -13.89
N THR A 23 0.77 3.21 -14.24
CA THR A 23 -0.50 3.77 -14.70
C THR A 23 -1.13 4.67 -13.62
N ARG A 24 -1.22 4.16 -12.41
CA ARG A 24 -1.81 4.95 -11.31
C ARG A 24 -0.99 6.21 -10.97
N TYR A 25 0.35 6.07 -10.90
CA TYR A 25 1.21 7.21 -10.73
C TYR A 25 0.96 8.23 -11.85
N GLU A 26 0.99 7.80 -13.10
CA GLU A 26 0.73 8.76 -14.20
C GLU A 26 -0.60 9.52 -14.08
N GLN A 27 -1.68 8.80 -13.87
CA GLN A 27 -2.97 9.45 -13.70
C GLN A 27 -3.01 10.38 -12.47
N MET A 28 -2.43 9.95 -11.35
CA MET A 28 -2.44 10.74 -10.12
C MET A 28 -1.62 12.04 -10.29
N SER A 29 -0.56 11.97 -11.11
CA SER A 29 0.30 13.14 -11.34
C SER A 29 -0.48 14.24 -12.06
N LYS A 30 -1.45 13.82 -12.88
CA LYS A 30 -2.34 14.80 -13.50
C LYS A 30 -3.16 15.54 -12.45
N ILE A 31 -3.62 14.85 -11.41
CA ILE A 31 -4.41 15.50 -10.35
C ILE A 31 -3.52 16.40 -9.53
N ASP A 32 -2.33 15.92 -9.23
CA ASP A 32 -1.30 16.67 -8.51
C ASP A 32 -0.97 18.01 -9.19
N ASN A 33 -0.66 17.96 -10.47
CA ASN A 33 -0.28 19.14 -11.24
C ASN A 33 -1.39 20.17 -11.33
N LEU A 34 -2.61 19.66 -11.51
CA LEU A 34 -3.80 20.49 -11.49
C LEU A 34 -3.91 21.26 -10.16
N LEU A 35 -3.69 20.55 -9.04
CA LEU A 35 -3.78 21.15 -7.71
C LEU A 35 -2.56 21.91 -7.16
N ALA A 36 -1.37 21.63 -7.67
CA ALA A 36 -0.16 22.31 -7.17
C ALA A 36 -0.02 23.70 -7.75
N ASP A 37 -0.72 23.94 -8.85
CA ASP A 37 -0.68 25.22 -9.51
C ASP A 37 -1.32 26.31 -8.64
N LYS A 38 -0.48 27.17 -8.06
CA LYS A 38 -0.95 28.24 -7.20
C LYS A 38 -1.70 29.32 -7.95
N SER A 39 -1.46 29.43 -9.26
CA SER A 39 -2.12 30.46 -10.07
C SER A 39 -3.59 30.14 -10.32
N SER A 40 -4.08 29.11 -9.64
CA SER A 40 -5.48 28.70 -9.79
C SER A 40 -6.05 28.19 -8.47
N SER A 41 -5.18 27.92 -7.51
CA SER A 41 -5.61 27.33 -6.25
C SER A 41 -6.90 27.90 -5.67
N LEU A 42 -7.82 27.00 -5.37
CA LEU A 42 -9.07 27.35 -4.72
C LEU A 42 -8.77 28.07 -3.40
N SER A 43 -7.58 27.83 -2.86
CA SER A 43 -7.17 28.54 -1.64
C SER A 43 -7.05 30.03 -1.95
N GLY A 44 -6.55 30.33 -3.15
CA GLY A 44 -6.38 31.71 -3.59
C GLY A 44 -7.70 32.34 -3.97
N SER A 45 -8.53 31.58 -4.69
CA SER A 45 -9.82 32.12 -5.07
C SER A 45 -10.65 32.31 -3.82
N LEU A 46 -10.53 31.40 -2.87
CA LEU A 46 -11.22 31.54 -1.59
C LEU A 46 -10.68 32.73 -0.81
N GLN A 47 -9.36 32.89 -0.77
CA GLN A 47 -8.78 34.01 -0.01
C GLN A 47 -9.20 35.32 -0.67
N SER A 48 -9.13 35.37 -2.00
CA SER A 48 -9.57 36.54 -2.74
C SER A 48 -11.00 36.90 -2.43
N PHE A 49 -11.84 35.88 -2.37
CA PHE A 49 -13.24 36.08 -2.03
C PHE A 49 -13.34 36.64 -0.64
N PHE A 50 -12.62 36.05 0.30
CA PHE A 50 -12.72 36.52 1.67
C PHE A 50 -12.05 37.88 1.91
N THR A 51 -10.99 38.16 1.18
CA THR A 51 -10.33 39.45 1.29
C THR A 51 -11.27 40.53 0.78
N SER A 52 -11.88 40.26 -0.38
CA SER A 52 -12.80 41.23 -0.96
C SER A 52 -13.95 41.41 0.02
N LEU A 53 -14.30 40.32 0.70
CA LEU A 53 -15.40 40.40 1.67
C LEU A 53 -14.98 41.24 2.88
N GLN A 54 -13.75 41.10 3.32
CA GLN A 54 -13.29 41.92 4.43
C GLN A 54 -13.27 43.38 4.00
N THR A 55 -12.82 43.65 2.79
CA THR A 55 -12.85 45.02 2.23
C THR A 55 -14.26 45.58 2.31
N LEU A 56 -15.23 44.77 1.91
CA LEU A 56 -16.62 45.17 1.93
C LEU A 56 -17.12 45.41 3.36
N VAL A 57 -16.78 44.49 4.27
CA VAL A 57 -17.25 44.60 5.63
C VAL A 57 -16.90 45.96 6.21
N SER A 58 -15.78 46.53 5.76
CA SER A 58 -15.37 47.86 6.23
C SER A 58 -16.27 49.02 5.75
N ASN A 59 -16.70 48.99 4.50
CA ASN A 59 -17.62 50.01 3.98
C ASN A 59 -18.76 49.34 3.23
N ALA A 60 -19.62 48.71 4.01
CA ALA A 60 -20.73 47.95 3.50
C ALA A 60 -21.62 48.75 2.54
N GLU A 61 -21.40 50.06 2.47
CA GLU A 61 -22.24 50.90 1.64
C GLU A 61 -21.66 51.09 0.24
N ASP A 62 -20.36 50.85 0.10
CA ASP A 62 -19.66 51.05 -1.18
C ASP A 62 -20.09 50.11 -2.32
N PRO A 63 -20.88 50.61 -3.28
CA PRO A 63 -21.37 49.78 -4.40
C PRO A 63 -20.22 49.17 -5.18
N ALA A 64 -19.12 49.90 -5.27
CA ALA A 64 -17.96 49.38 -5.96
C ALA A 64 -17.43 48.13 -5.25
N ALA A 65 -17.30 48.22 -3.92
CA ALA A 65 -16.83 47.11 -3.11
C ALA A 65 -17.81 45.95 -3.16
N ARG A 66 -19.09 46.29 -3.27
CA ARG A 66 -20.14 45.29 -3.38
C ARG A 66 -19.98 44.56 -4.72
N GLN A 67 -19.81 45.33 -5.79
CA GLN A 67 -19.63 44.75 -7.11
C GLN A 67 -18.38 43.90 -7.20
N ALA A 68 -17.33 44.30 -6.50
CA ALA A 68 -16.10 43.52 -6.54
C ALA A 68 -16.35 42.15 -5.90
N LEU A 69 -17.11 42.14 -4.83
CA LEU A 69 -17.41 40.90 -4.15
C LEU A 69 -18.08 39.96 -5.15
N ILE A 70 -19.03 40.51 -5.91
CA ILE A 70 -19.74 39.67 -6.89
C ILE A 70 -18.77 39.10 -7.91
N GLY A 71 -17.86 39.95 -8.39
CA GLY A 71 -16.81 39.48 -9.28
C GLY A 71 -16.02 38.32 -8.69
N LYS A 72 -15.65 38.42 -7.42
CA LYS A 72 -14.88 37.35 -6.77
C LYS A 72 -15.71 36.08 -6.54
N ALA A 73 -16.98 36.26 -6.22
CA ALA A 73 -17.91 35.11 -6.07
C ALA A 73 -17.96 34.36 -7.40
N GLU A 74 -18.00 35.10 -8.51
CA GLU A 74 -18.06 34.51 -9.85
C GLU A 74 -16.80 33.73 -10.17
N GLY A 75 -15.65 34.27 -9.76
CA GLY A 75 -14.36 33.65 -10.00
C GLY A 75 -14.15 32.40 -9.16
N LEU A 76 -14.61 32.44 -7.93
CA LEU A 76 -14.59 31.28 -7.07
C LEU A 76 -15.37 30.12 -7.73
N VAL A 77 -16.61 30.37 -8.14
CA VAL A 77 -17.46 29.35 -8.74
C VAL A 77 -16.84 28.87 -10.03
N ASN A 78 -16.30 29.82 -10.79
CA ASN A 78 -15.64 29.46 -12.04
C ASN A 78 -14.39 28.60 -11.76
N GLN A 79 -13.64 28.91 -10.72
CA GLN A 79 -12.49 28.07 -10.39
C GLN A 79 -12.91 26.65 -9.93
N PHE A 80 -13.94 26.56 -9.07
CA PHE A 80 -14.49 25.24 -8.68
C PHE A 80 -14.85 24.42 -9.92
N LYS A 81 -15.52 25.06 -10.88
CA LYS A 81 -16.01 24.41 -12.08
C LYS A 81 -14.93 23.96 -13.03
N THR A 82 -13.90 24.80 -13.15
CA THR A 82 -12.73 24.50 -13.97
C THR A 82 -12.04 23.27 -13.40
N THR A 83 -11.81 23.26 -12.10
CA THR A 83 -11.11 22.14 -11.52
C THR A 83 -11.91 20.84 -11.66
N ASP A 84 -13.21 20.92 -11.36
CA ASP A 84 -14.08 19.76 -11.40
C ASP A 84 -14.20 19.18 -12.80
N GLN A 85 -14.31 20.07 -13.80
CA GLN A 85 -14.47 19.66 -15.18
C GLN A 85 -13.20 18.93 -15.65
N TYR A 86 -12.03 19.34 -15.17
CA TYR A 86 -10.79 18.64 -15.53
C TYR A 86 -10.89 17.22 -14.96
N LEU A 87 -11.32 17.09 -13.71
CA LEU A 87 -11.50 15.79 -13.10
C LEU A 87 -12.54 14.95 -13.86
N ARG A 88 -13.60 15.60 -14.32
CA ARG A 88 -14.59 14.91 -15.13
C ARG A 88 -14.01 14.46 -16.48
N ASP A 89 -13.14 15.29 -17.08
CA ASP A 89 -12.56 14.91 -18.36
C ASP A 89 -11.66 13.69 -18.16
N GLN A 90 -10.91 13.68 -17.06
CA GLN A 90 -10.01 12.55 -16.73
C GLN A 90 -10.82 11.24 -16.52
N ASP A 91 -12.01 11.37 -15.95
CA ASP A 91 -12.89 10.21 -15.70
C ASP A 91 -13.31 9.64 -17.04
N LYS A 92 -13.59 10.55 -17.96
CA LYS A 92 -14.02 10.09 -19.26
C LYS A 92 -12.85 9.40 -19.95
N GLN A 93 -11.65 9.92 -19.77
CA GLN A 93 -10.49 9.27 -20.39
C GLN A 93 -10.26 7.90 -19.77
N VAL A 94 -10.46 7.78 -18.47
CA VAL A 94 -10.32 6.47 -17.82
C VAL A 94 -11.30 5.43 -18.44
N ASN A 95 -12.55 5.84 -18.65
CA ASN A 95 -13.55 4.95 -19.25
C ASN A 95 -13.18 4.51 -20.68
N ILE A 96 -12.66 5.45 -21.50
CA ILE A 96 -12.14 5.15 -22.83
C ILE A 96 -10.93 4.21 -22.71
N ALA A 97 -10.00 4.51 -21.80
CA ALA A 97 -8.83 3.62 -21.60
C ALA A 97 -9.23 2.20 -21.19
N ILE A 98 -10.29 2.07 -20.41
CA ILE A 98 -10.78 0.75 -20.03
C ILE A 98 -11.25 0.01 -21.27
N GLY A 99 -12.02 0.67 -22.10
CA GLY A 99 -12.47 0.05 -23.33
C GLY A 99 -11.32 -0.33 -24.23
N SER A 100 -10.33 0.56 -24.34
CA SER A 100 -9.16 0.29 -25.18
C SER A 100 -8.39 -0.93 -24.61
N SER A 101 -8.27 -1.00 -23.29
CA SER A 101 -7.62 -2.13 -22.63
C SER A 101 -8.31 -3.46 -22.96
N VAL A 102 -9.63 -3.47 -22.86
CA VAL A 102 -10.41 -4.65 -23.18
C VAL A 102 -10.16 -5.03 -24.64
N ALA A 103 -10.20 -4.06 -25.56
CA ALA A 103 -9.98 -4.42 -26.96
C ALA A 103 -8.61 -5.05 -27.18
N GLN A 104 -7.59 -4.56 -26.49
CA GLN A 104 -6.24 -5.04 -26.70
C GLN A 104 -6.09 -6.44 -26.16
N ILE A 105 -6.62 -6.63 -24.96
CA ILE A 105 -6.69 -7.94 -24.36
C ILE A 105 -7.34 -8.98 -25.30
N ASN A 106 -8.53 -8.65 -25.83
CA ASN A 106 -9.26 -9.55 -26.74
C ASN A 106 -8.40 -9.91 -27.94
N ASN A 107 -7.69 -8.91 -28.40
CA ASN A 107 -6.85 -9.07 -29.55
C ASN A 107 -5.68 -10.00 -29.26
N TYR A 108 -5.00 -9.72 -28.16
CA TYR A 108 -3.90 -10.57 -27.75
C TYR A 108 -4.36 -11.99 -27.57
N ALA A 109 -5.52 -12.19 -26.94
CA ALA A 109 -6.01 -13.56 -26.67
C ALA A 109 -6.22 -14.37 -27.96
N LYS A 110 -6.82 -13.75 -28.96
CA LYS A 110 -7.03 -14.44 -30.22
C LYS A 110 -5.65 -14.76 -30.83
N GLN A 111 -4.72 -13.81 -30.78
CA GLN A 111 -3.39 -14.05 -31.35
C GLN A 111 -2.72 -15.22 -30.69
N ILE A 112 -2.77 -15.25 -29.36
CA ILE A 112 -2.18 -16.35 -28.62
C ILE A 112 -2.78 -17.72 -28.92
N ALA A 113 -4.11 -17.77 -29.06
CA ALA A 113 -4.80 -19.01 -29.38
C ALA A 113 -4.41 -19.56 -30.75
N ASN A 114 -4.31 -18.67 -31.73
CA ASN A 114 -3.88 -19.03 -33.06
C ASN A 114 -2.41 -19.55 -33.06
N LEU A 115 -1.55 -18.90 -32.29
CA LEU A 115 -0.17 -19.35 -32.12
C LEU A 115 -0.14 -20.73 -31.45
N ASN A 116 -0.96 -20.90 -30.41
CA ASN A 116 -1.10 -22.21 -29.77
C ASN A 116 -1.44 -23.31 -30.80
N ASP A 117 -2.28 -22.96 -31.76
CA ASP A 117 -2.70 -23.90 -32.77
C ASP A 117 -1.57 -24.23 -33.76
N GLN A 118 -0.88 -23.21 -34.26
CA GLN A 118 0.23 -23.40 -35.17
C GLN A 118 1.29 -24.26 -34.52
N ILE A 119 1.60 -23.92 -33.26
CA ILE A 119 2.63 -24.62 -32.53
C ILE A 119 2.29 -26.09 -32.34
N SER A 120 1.03 -26.35 -31.99
CA SER A 120 0.58 -27.70 -31.74
C SER A 120 0.70 -28.62 -32.95
N ARG A 121 0.76 -28.03 -34.15
CA ARG A 121 0.86 -28.83 -35.37
C ARG A 121 2.31 -29.21 -35.72
N MET A 122 3.25 -28.33 -35.47
CA MET A 122 4.66 -28.67 -35.68
C MET A 122 5.05 -29.76 -34.70
N THR A 123 4.63 -29.58 -33.45
CA THR A 123 4.85 -30.52 -32.37
C THR A 123 4.40 -31.94 -32.73
N ASN A 132 10.98 -22.47 -32.75
CA ASN A 132 11.71 -21.57 -31.82
C ASN A 132 11.16 -20.15 -31.82
N ASP A 133 10.87 -19.63 -33.00
CA ASP A 133 10.38 -18.27 -33.12
C ASP A 133 8.89 -18.16 -32.71
N LEU A 134 8.09 -19.16 -33.03
CA LEU A 134 6.68 -19.16 -32.65
C LEU A 134 6.60 -19.24 -31.14
N LEU A 135 7.52 -19.98 -30.53
CA LEU A 135 7.54 -20.08 -29.07
C LEU A 135 7.82 -18.71 -28.45
N ASP A 136 8.65 -17.94 -29.16
CA ASP A 136 9.06 -16.60 -28.75
C ASP A 136 7.94 -15.58 -28.98
N GLN A 137 7.34 -15.63 -30.16
CA GLN A 137 6.21 -14.77 -30.48
C GLN A 137 5.06 -14.93 -29.45
N ARG A 138 4.79 -16.16 -29.06
CA ARG A 138 3.73 -16.45 -28.11
C ARG A 138 4.10 -15.90 -26.74
N ASP A 139 5.34 -16.17 -26.33
CA ASP A 139 5.82 -15.67 -25.05
C ASP A 139 5.78 -14.13 -24.98
N GLN A 140 6.13 -13.46 -26.06
CA GLN A 140 6.09 -12.01 -26.07
C GLN A 140 4.64 -11.48 -25.96
N LEU A 141 3.72 -12.12 -26.68
CA LEU A 141 2.31 -11.73 -26.64
C LEU A 141 1.74 -11.93 -25.26
N VAL A 142 2.12 -13.03 -24.62
CA VAL A 142 1.65 -13.36 -23.30
C VAL A 142 2.08 -12.29 -22.31
N SER A 143 3.33 -11.85 -22.42
CA SER A 143 3.85 -10.83 -21.53
C SER A 143 3.16 -9.46 -21.74
N GLU A 144 2.85 -9.12 -22.98
CA GLU A 144 2.17 -7.87 -23.25
C GLU A 144 0.74 -7.86 -22.71
N LEU A 145 0.06 -9.00 -22.80
CA LEU A 145 -1.30 -9.16 -22.29
C LEU A 145 -1.30 -9.06 -20.77
N ASN A 146 -0.39 -9.81 -20.15
CA ASN A 146 -0.21 -9.79 -18.71
C ASN A 146 0.19 -8.40 -18.16
N LYS A 147 0.68 -7.51 -19.01
CA LYS A 147 0.92 -6.13 -18.60
C LYS A 147 -0.40 -5.39 -18.38
N ILE A 148 -1.42 -5.74 -19.15
CA ILE A 148 -2.73 -5.08 -19.07
C ILE A 148 -3.55 -5.65 -17.94
N VAL A 149 -3.72 -6.97 -17.93
CA VAL A 149 -4.45 -7.63 -16.86
C VAL A 149 -3.72 -8.90 -16.47
N GLY A 150 -3.69 -9.22 -15.21
CA GLY A 150 -2.96 -10.41 -14.77
C GLY A 150 -3.55 -11.71 -15.27
N VAL A 151 -2.69 -12.54 -15.85
CA VAL A 151 -3.11 -13.85 -16.29
C VAL A 151 -2.08 -14.89 -15.82
N GLU A 152 -2.55 -16.04 -15.34
CA GLU A 152 -1.63 -17.12 -15.05
C GLU A 152 -1.46 -18.06 -16.23
N VAL A 153 -0.21 -18.33 -16.58
CA VAL A 153 0.09 -19.31 -17.61
C VAL A 153 0.07 -20.74 -17.04
N SER A 154 -0.54 -21.65 -17.80
CA SER A 154 -0.47 -23.07 -17.48
C SER A 154 -0.24 -23.77 -18.81
N VAL A 155 0.35 -24.96 -18.80
CA VAL A 155 0.56 -25.66 -20.06
C VAL A 155 -0.07 -27.05 -20.02
N GLN A 156 -0.69 -27.45 -21.13
CA GLN A 156 -1.30 -28.78 -21.29
C GLN A 156 -0.31 -29.68 -22.03
N ASP A 157 -0.56 -30.99 -22.02
CA ASP A 157 0.29 -31.91 -22.78
C ASP A 157 0.15 -31.54 -24.22
N GLY A 158 1.26 -31.55 -24.94
CA GLY A 158 1.26 -31.07 -26.31
C GLY A 158 1.90 -29.69 -26.24
N GLY A 159 2.03 -29.17 -25.02
CA GLY A 159 2.71 -27.90 -24.81
C GLY A 159 1.90 -26.66 -25.09
N THR A 160 0.58 -26.78 -25.05
CA THR A 160 -0.27 -25.63 -25.32
C THR A 160 -0.52 -24.79 -24.07
N TYR A 161 -0.59 -23.48 -24.27
CA TYR A 161 -0.78 -22.57 -23.16
C TYR A 161 -2.21 -22.27 -22.84
N ASN A 162 -2.54 -22.31 -21.55
CA ASN A 162 -3.76 -21.74 -21.05
C ASN A 162 -3.40 -20.45 -20.31
N LEU A 163 -4.27 -19.44 -20.46
CA LEU A 163 -4.15 -18.16 -19.78
C LEU A 163 -5.42 -17.95 -18.97
N THR A 164 -5.26 -17.92 -17.66
CA THR A 164 -6.41 -17.88 -16.77
C THR A 164 -6.31 -16.66 -15.87
N MET A 165 -7.41 -15.90 -15.78
CA MET A 165 -7.45 -14.70 -14.96
C MET A 165 -7.65 -15.10 -13.54
N ALA A 166 -7.51 -14.14 -12.62
CA ALA A 166 -7.74 -14.39 -11.19
C ALA A 166 -9.13 -14.94 -10.82
N ASN A 167 -10.17 -14.46 -11.50
CA ASN A 167 -11.53 -14.95 -11.21
C ASN A 167 -11.79 -16.31 -11.85
N GLY A 168 -10.76 -16.91 -12.44
CA GLY A 168 -10.93 -18.18 -13.12
C GLY A 168 -11.31 -18.13 -14.59
N TYR A 169 -11.52 -16.95 -15.18
CA TYR A 169 -11.90 -16.86 -16.60
C TYR A 169 -10.79 -17.32 -17.53
N THR A 170 -11.06 -18.31 -18.38
CA THR A 170 -10.03 -18.86 -19.25
C THR A 170 -9.98 -18.12 -20.55
N LEU A 171 -9.19 -17.05 -20.56
CA LEU A 171 -9.03 -16.17 -21.68
C LEU A 171 -8.42 -16.91 -22.87
N VAL A 172 -7.50 -17.82 -22.59
CA VAL A 172 -6.91 -18.70 -23.63
C VAL A 172 -6.91 -20.18 -23.21
N GLN A 173 -7.60 -21.02 -23.99
CA GLN A 173 -7.69 -22.44 -23.69
C GLN A 173 -7.19 -23.20 -24.92
N GLY A 174 -5.87 -23.35 -24.99
CA GLY A 174 -5.27 -23.94 -26.18
C GLY A 174 -5.65 -23.14 -27.42
N SER A 175 -6.28 -23.79 -28.40
CA SER A 175 -6.70 -23.16 -29.64
C SER A 175 -7.90 -22.26 -29.50
N THR A 176 -8.48 -22.19 -28.30
CA THR A 176 -9.66 -21.35 -28.08
C THR A 176 -9.36 -20.06 -27.34
N ALA A 177 -9.84 -18.95 -27.89
CA ALA A 177 -9.71 -17.68 -27.23
C ALA A 177 -11.12 -17.24 -26.80
N ARG A 178 -11.20 -16.62 -25.64
CA ARG A 178 -12.45 -16.06 -25.18
C ARG A 178 -12.22 -14.57 -25.07
N GLN A 179 -13.27 -13.81 -24.79
CA GLN A 179 -13.17 -12.37 -24.81
C GLN A 179 -13.82 -11.75 -23.58
N LEU A 180 -13.42 -10.52 -23.31
CA LEU A 180 -14.03 -9.71 -22.27
C LEU A 180 -14.83 -8.63 -22.99
N ALA A 181 -15.60 -7.86 -22.22
CA ALA A 181 -16.36 -6.76 -22.79
C ALA A 181 -16.34 -5.61 -21.82
N ALA A 182 -16.28 -4.39 -22.35
CA ALA A 182 -16.32 -3.16 -21.58
C ALA A 182 -17.78 -2.75 -21.61
N VAL A 183 -18.40 -2.68 -20.44
CA VAL A 183 -19.84 -2.46 -20.33
C VAL A 183 -20.12 -1.47 -19.21
N PRO A 184 -21.26 -0.78 -19.29
CA PRO A 184 -21.68 0.11 -18.19
C PRO A 184 -21.86 -0.71 -16.94
N SER A 185 -21.35 -0.24 -15.81
CA SER A 185 -21.49 -1.01 -14.60
C SER A 185 -22.96 -1.08 -14.17
N SER A 186 -23.33 -2.18 -13.53
CA SER A 186 -24.70 -2.29 -13.06
C SER A 186 -25.02 -1.26 -11.95
N ALA A 187 -24.05 -0.88 -11.13
CA ALA A 187 -24.34 0.07 -10.07
C ALA A 187 -24.36 1.51 -10.56
N ASP A 188 -23.70 1.75 -11.69
CA ASP A 188 -23.53 3.11 -12.15
C ASP A 188 -23.45 3.12 -13.64
N PRO A 189 -24.50 3.67 -14.26
CA PRO A 189 -24.66 3.64 -15.70
C PRO A 189 -23.64 4.53 -16.40
N THR A 190 -23.03 5.46 -15.67
CA THR A 190 -22.07 6.36 -16.29
C THR A 190 -20.68 5.77 -16.20
N ARG A 191 -20.56 4.62 -15.55
CA ARG A 191 -19.27 4.03 -15.36
C ARG A 191 -18.99 2.76 -16.17
N THR A 192 -17.92 2.78 -16.95
CA THR A 192 -17.54 1.62 -17.73
C THR A 192 -16.78 0.67 -16.82
N THR A 193 -17.07 -0.61 -16.92
CA THR A 193 -16.31 -1.61 -16.16
C THR A 193 -16.08 -2.79 -17.08
N VAL A 194 -15.71 -3.94 -16.54
CA VAL A 194 -15.33 -5.07 -17.38
C VAL A 194 -16.17 -6.29 -17.06
N ALA A 195 -16.53 -7.05 -18.09
CA ALA A 195 -17.32 -8.25 -17.94
C ALA A 195 -16.66 -9.38 -18.69
N TYR A 196 -16.94 -10.61 -18.31
CA TYR A 196 -16.50 -11.73 -19.13
C TYR A 196 -17.70 -12.16 -19.95
N VAL A 197 -17.46 -12.91 -21.01
CA VAL A 197 -18.58 -13.32 -21.87
C VAL A 197 -19.00 -14.76 -21.72
N ASP A 198 -20.22 -15.00 -21.27
CA ASP A 198 -20.81 -16.34 -21.24
C ASP A 198 -21.58 -16.50 -22.55
N GLU A 199 -21.42 -17.64 -23.22
CA GLU A 199 -22.07 -17.84 -24.52
C GLU A 199 -23.58 -17.73 -24.49
N ALA A 200 -24.17 -18.30 -23.46
CA ALA A 200 -25.62 -18.30 -23.36
C ALA A 200 -26.17 -17.09 -22.63
N ALA A 201 -25.51 -16.68 -21.55
CA ALA A 201 -26.06 -15.63 -20.72
C ALA A 201 -25.60 -14.22 -21.06
N GLY A 202 -24.63 -14.08 -21.92
CA GLY A 202 -24.12 -12.76 -22.24
C GLY A 202 -23.03 -12.30 -21.29
N ASN A 203 -23.00 -10.98 -21.12
CA ASN A 203 -21.95 -10.31 -20.34
C ASN A 203 -22.15 -10.44 -18.85
N ILE A 204 -21.15 -10.99 -18.17
CA ILE A 204 -21.20 -11.14 -16.70
C ILE A 204 -20.19 -10.18 -16.08
N GLU A 205 -20.68 -9.18 -15.37
CA GLU A 205 -19.78 -8.22 -14.81
C GLU A 205 -18.77 -8.80 -13.79
N ILE A 206 -17.51 -8.36 -13.88
CA ILE A 206 -16.48 -8.74 -12.90
C ILE A 206 -16.32 -7.63 -11.87
N PRO A 207 -16.41 -7.94 -10.59
CA PRO A 207 -16.20 -6.91 -9.56
C PRO A 207 -14.75 -6.37 -9.65
N GLU A 208 -14.56 -5.07 -9.46
CA GLU A 208 -13.24 -4.44 -9.75
C GLU A 208 -12.10 -5.01 -8.91
N LYS A 209 -12.43 -5.45 -7.68
CA LYS A 209 -11.47 -6.04 -6.76
C LYS A 209 -10.79 -7.24 -7.41
N LEU A 210 -11.41 -7.85 -8.42
CA LEU A 210 -10.79 -9.02 -9.08
C LEU A 210 -10.00 -8.62 -10.33
N LEU A 211 -9.96 -7.33 -10.64
CA LEU A 211 -9.23 -6.84 -11.80
C LEU A 211 -8.16 -5.87 -11.32
N ASN A 212 -7.74 -6.03 -10.09
CA ASN A 212 -6.77 -5.10 -9.54
C ASN A 212 -5.32 -5.48 -9.86
N THR A 213 -5.03 -5.81 -11.11
CA THR A 213 -3.66 -6.12 -11.55
C THR A 213 -3.39 -5.43 -12.87
N GLY A 214 -2.14 -5.07 -13.15
CA GLY A 214 -1.81 -4.56 -14.49
C GLY A 214 -2.28 -3.16 -14.73
N SER A 215 -2.06 -2.65 -15.93
CA SER A 215 -2.47 -1.30 -16.23
C SER A 215 -4.00 -1.16 -16.06
N LEU A 216 -4.76 -2.21 -16.36
CA LEU A 216 -6.22 -2.16 -16.18
C LEU A 216 -6.54 -1.92 -14.72
N GLY A 217 -5.87 -2.66 -13.83
CA GLY A 217 -6.02 -2.49 -12.40
C GLY A 217 -5.55 -1.13 -11.94
N GLY A 218 -4.52 -0.60 -12.59
CA GLY A 218 -4.08 0.75 -12.27
C GLY A 218 -5.19 1.75 -12.62
N LEU A 219 -5.82 1.60 -13.77
CA LEU A 219 -6.91 2.51 -14.12
C LEU A 219 -8.07 2.44 -13.12
N LEU A 220 -8.49 1.21 -12.80
CA LEU A 220 -9.58 0.98 -11.85
C LEU A 220 -9.28 1.51 -10.45
N THR A 221 -8.07 1.24 -9.97
CA THR A 221 -7.71 1.68 -8.66
C THR A 221 -7.62 3.20 -8.57
N PHE A 222 -7.03 3.82 -9.60
CA PHE A 222 -6.93 5.28 -9.65
C PHE A 222 -8.34 5.90 -9.60
N ARG A 223 -9.22 5.40 -10.47
CA ARG A 223 -10.57 5.94 -10.55
C ARG A 223 -11.32 5.86 -9.23
N SER A 224 -11.36 4.68 -8.63
CA SER A 224 -12.14 4.48 -7.42
C SER A 224 -11.45 5.05 -6.20
N GLN A 225 -10.13 4.91 -6.10
CA GLN A 225 -9.49 5.38 -4.87
C GLN A 225 -8.97 6.80 -4.92
N ASP A 226 -8.67 7.27 -6.11
CA ASP A 226 -8.08 8.58 -6.21
C ASP A 226 -9.02 9.59 -6.82
N LEU A 227 -9.49 9.26 -8.01
CA LEU A 227 -10.27 10.19 -8.80
C LEU A 227 -11.62 10.43 -8.16
N ASP A 228 -12.34 9.36 -7.80
CA ASP A 228 -13.67 9.53 -7.20
C ASP A 228 -13.59 10.34 -5.90
N GLN A 229 -12.57 10.05 -5.10
CA GLN A 229 -12.39 10.67 -3.80
C GLN A 229 -12.02 12.13 -3.98
N THR A 230 -11.16 12.42 -4.95
CA THR A 230 -10.81 13.81 -5.21
C THR A 230 -12.10 14.61 -5.55
N ARG A 231 -12.87 14.08 -6.47
CA ARG A 231 -14.13 14.70 -6.89
C ARG A 231 -15.11 14.90 -5.71
N ASN A 232 -15.19 13.91 -4.84
CA ASN A 232 -16.10 13.99 -3.66
C ASN A 232 -15.60 14.97 -2.60
N THR A 233 -14.31 14.99 -2.36
CA THR A 233 -13.73 15.99 -1.45
C THR A 233 -13.91 17.42 -1.97
N LEU A 234 -13.71 17.61 -3.26
CA LEU A 234 -13.91 18.94 -3.83
C LEU A 234 -15.39 19.34 -3.79
N GLY A 235 -16.25 18.40 -4.18
CA GLY A 235 -17.69 18.55 -4.10
C GLY A 235 -18.21 18.89 -2.70
N GLN A 236 -17.69 18.22 -1.69
CA GLN A 236 -18.08 18.43 -0.30
C GLN A 236 -17.74 19.87 0.10
N LEU A 237 -16.55 20.30 -0.29
CA LEU A 237 -16.09 21.64 -0.02
C LEU A 237 -17.03 22.69 -0.67
N ALA A 238 -17.28 22.57 -1.97
CA ALA A 238 -18.20 23.49 -2.63
C ALA A 238 -19.58 23.52 -1.99
N LEU A 239 -20.12 22.34 -1.65
CA LEU A 239 -21.42 22.23 -1.01
C LEU A 239 -21.45 22.90 0.35
N ALA A 240 -20.49 22.56 1.18
CA ALA A 240 -20.46 23.12 2.53
C ALA A 240 -20.30 24.64 2.51
N PHE A 241 -19.49 25.11 1.57
CA PHE A 241 -19.25 26.54 1.44
C PHE A 241 -20.53 27.19 0.96
N ALA A 242 -21.11 26.67 -0.12
CA ALA A 242 -22.30 27.29 -0.68
C ALA A 242 -23.47 27.38 0.32
N ASP A 243 -23.70 26.29 1.05
CA ASP A 243 -24.84 26.22 1.95
C ASP A 243 -24.67 27.06 3.20
N ALA A 244 -23.46 27.15 3.71
CA ALA A 244 -23.23 27.89 4.95
C ALA A 244 -23.20 29.39 4.64
N PHE A 245 -22.64 29.75 3.49
CA PHE A 245 -22.69 31.16 3.08
C PHE A 245 -24.15 31.51 2.83
N ASN A 246 -24.90 30.66 2.11
CA ASN A 246 -26.29 30.97 1.82
C ASN A 246 -27.10 31.09 3.08
N ALA A 247 -26.88 30.15 4.00
CA ALA A 247 -27.65 30.13 5.22
C ALA A 247 -27.46 31.45 5.95
N GLN A 248 -26.23 31.88 6.08
CA GLN A 248 -25.94 33.12 6.76
C GLN A 248 -26.42 34.39 5.98
N HIS A 249 -26.27 34.37 4.67
CA HIS A 249 -26.64 35.51 3.85
C HIS A 249 -28.11 35.84 3.99
N THR A 250 -28.94 34.79 4.02
CA THR A 250 -30.37 34.93 4.15
C THR A 250 -30.80 35.40 5.53
N LYS A 251 -29.89 35.67 6.44
CA LYS A 251 -30.32 36.16 7.75
C LYS A 251 -29.94 37.63 7.85
N GLY A 252 -29.54 38.19 6.71
CA GLY A 252 -29.10 39.56 6.64
C GLY A 252 -30.05 40.38 5.81
N TYR A 253 -29.73 41.66 5.61
CA TYR A 253 -30.60 42.55 4.86
C TYR A 253 -29.72 43.31 3.87
N ASP A 254 -30.16 43.41 2.61
CA ASP A 254 -29.36 44.07 1.56
C ASP A 254 -29.44 45.60 1.62
N ALA A 255 -28.75 46.27 0.70
CA ALA A 255 -28.66 47.72 0.71
C ALA A 255 -29.99 48.43 0.56
N ASP A 256 -30.99 47.74 0.04
CA ASP A 256 -32.30 48.34 -0.08
C ASP A 256 -33.17 47.90 1.08
N GLY A 257 -32.53 47.29 2.08
CA GLY A 257 -33.25 46.85 3.27
C GLY A 257 -34.06 45.58 3.11
N ASN A 258 -33.92 44.88 1.98
CA ASN A 258 -34.68 43.65 1.79
C ASN A 258 -33.90 42.44 2.33
N LYS A 259 -34.65 41.40 2.68
CA LYS A 259 -34.07 40.18 3.22
C LYS A 259 -33.13 39.54 2.19
N GLY A 260 -31.94 39.20 2.62
CA GLY A 260 -30.99 38.58 1.70
C GLY A 260 -31.48 37.23 1.26
N LYS A 261 -31.16 36.86 0.03
CA LYS A 261 -31.52 35.55 -0.52
C LYS A 261 -30.28 34.69 -0.73
N ASP A 262 -30.50 33.45 -1.17
CA ASP A 262 -29.39 32.53 -1.44
C ASP A 262 -28.42 33.14 -2.42
N PHE A 263 -27.17 33.16 -2.02
CA PHE A 263 -26.13 33.76 -2.80
C PHE A 263 -25.65 32.78 -3.89
N PHE A 264 -25.58 31.49 -3.55
CA PHE A 264 -25.13 30.46 -4.48
C PHE A 264 -26.14 29.33 -4.73
N SER A 265 -26.13 28.79 -5.95
CA SER A 265 -26.85 27.58 -6.32
C SER A 265 -25.78 26.47 -6.17
N ILE A 266 -26.23 25.23 -5.95
CA ILE A 266 -25.31 24.08 -5.84
C ILE A 266 -26.05 22.85 -6.36
N GLY A 267 -25.33 21.89 -6.97
CA GLY A 267 -25.96 20.68 -7.48
C GLY A 267 -26.48 19.82 -6.33
N SER A 268 -27.49 19.01 -6.60
CA SER A 268 -28.09 18.16 -5.58
C SER A 268 -27.63 16.69 -5.70
N PRO A 269 -27.90 15.91 -4.66
CA PRO A 269 -27.54 14.50 -4.65
C PRO A 269 -28.14 13.77 -5.83
N VAL A 270 -27.51 12.69 -6.27
CA VAL A 270 -28.10 11.90 -7.32
C VAL A 270 -28.08 10.44 -6.83
N VAL A 271 -29.08 9.66 -7.21
CA VAL A 271 -29.09 8.26 -6.78
C VAL A 271 -29.34 7.39 -7.99
N TYR A 272 -28.51 6.38 -8.17
CA TYR A 272 -28.65 5.41 -9.25
C TYR A 272 -29.15 4.09 -8.68
N SER A 273 -30.16 3.54 -9.34
CA SER A 273 -30.79 2.28 -9.04
C SER A 273 -30.01 1.18 -9.75
N ASN A 274 -29.53 0.21 -8.99
CA ASN A 274 -28.77 -0.88 -9.59
C ASN A 274 -29.55 -1.61 -10.70
N SER A 275 -28.94 -1.82 -11.87
CA SER A 275 -29.67 -2.51 -12.94
C SER A 275 -30.06 -3.97 -12.62
N ASN A 276 -29.49 -4.55 -11.55
CA ASN A 276 -29.86 -5.90 -11.16
C ASN A 276 -31.12 -5.89 -10.28
N ASN A 277 -31.62 -4.69 -9.91
CA ASN A 277 -32.77 -4.58 -9.01
C ASN A 277 -34.03 -5.25 -9.61
N ALA A 278 -34.95 -5.67 -8.74
CA ALA A 278 -36.16 -6.38 -9.18
C ALA A 278 -37.02 -5.54 -10.10
N ASP A 279 -37.32 -4.34 -9.66
CA ASP A 279 -38.11 -3.42 -10.47
C ASP A 279 -37.24 -2.21 -10.80
N LYS A 280 -36.95 -2.01 -12.08
CA LYS A 280 -36.10 -0.91 -12.51
C LYS A 280 -36.72 0.47 -12.33
N THR A 281 -37.99 0.54 -11.94
CA THR A 281 -38.64 1.82 -11.84
C THR A 281 -38.61 2.32 -10.40
N VAL A 282 -38.05 1.50 -9.53
CA VAL A 282 -37.94 1.87 -8.15
C VAL A 282 -36.73 2.77 -7.97
N SER A 283 -36.95 3.97 -7.43
CA SER A 283 -35.88 4.91 -7.25
C SER A 283 -35.90 5.55 -5.89
N LEU A 284 -34.75 6.07 -5.50
CA LEU A 284 -34.58 6.80 -4.27
C LEU A 284 -34.16 8.21 -4.64
N THR A 285 -34.49 9.18 -3.78
CA THR A 285 -34.00 10.55 -3.96
C THR A 285 -33.44 11.00 -2.65
N ALA A 286 -32.51 11.94 -2.69
CA ALA A 286 -31.86 12.39 -1.49
C ALA A 286 -31.79 13.91 -1.52
N LYS A 287 -31.89 14.51 -0.33
CA LYS A 287 -31.84 15.96 -0.24
C LYS A 287 -30.97 16.31 0.94
N VAL A 288 -30.22 17.39 0.83
CA VAL A 288 -29.35 17.79 1.89
C VAL A 288 -30.15 18.59 2.92
N VAL A 289 -30.03 18.23 4.20
CA VAL A 289 -30.71 18.95 5.29
C VAL A 289 -29.73 19.54 6.27
N ASP A 290 -28.46 19.13 6.23
CA ASP A 290 -27.45 19.72 7.11
C ASP A 290 -26.11 19.54 6.42
N SER A 291 -25.75 20.56 5.64
CA SER A 291 -24.56 20.56 4.84
C SER A 291 -23.29 20.30 5.64
N THR A 292 -23.27 20.64 6.93
CA THR A 292 -22.05 20.43 7.71
C THR A 292 -21.88 18.98 8.09
N LYS A 293 -22.84 18.13 7.79
CA LYS A 293 -22.64 16.72 8.09
C LYS A 293 -22.48 15.90 6.81
N VAL A 294 -22.57 16.56 5.66
CA VAL A 294 -22.40 15.90 4.37
C VAL A 294 -20.94 15.42 4.25
N GLN A 295 -20.76 14.17 3.86
CA GLN A 295 -19.42 13.58 3.75
C GLN A 295 -18.90 13.47 2.31
N ALA A 296 -17.60 13.33 2.16
CA ALA A 296 -17.01 13.19 0.85
C ALA A 296 -16.95 11.69 0.53
N THR A 297 -18.08 11.13 0.19
CA THR A 297 -18.18 9.71 -0.10
C THR A 297 -19.41 9.45 -0.92
N ASP A 298 -19.45 8.30 -1.61
CA ASP A 298 -20.72 7.85 -2.14
C ASP A 298 -21.26 6.81 -1.16
N TYR A 299 -22.46 6.30 -1.43
CA TYR A 299 -23.10 5.30 -0.56
C TYR A 299 -23.71 4.16 -1.36
N LYS A 300 -23.34 2.95 -0.99
CA LYS A 300 -24.05 1.78 -1.49
C LYS A 300 -25.10 1.46 -0.41
N ILE A 301 -26.37 1.50 -0.81
CA ILE A 301 -27.50 1.32 0.11
C ILE A 301 -28.25 0.08 -0.36
N VAL A 302 -28.40 -0.90 0.51
CA VAL A 302 -29.09 -2.13 0.11
C VAL A 302 -30.30 -2.39 1.02
N PHE A 303 -31.45 -2.67 0.44
CA PHE A 303 -32.61 -3.00 1.25
C PHE A 303 -32.56 -4.49 1.48
N ASP A 304 -32.39 -4.90 2.74
CA ASP A 304 -32.28 -6.34 3.07
C ASP A 304 -33.62 -7.00 3.33
N GLY A 305 -34.71 -6.38 2.87
CA GLY A 305 -36.05 -6.92 3.10
C GLY A 305 -36.77 -6.24 4.25
N THR A 306 -36.01 -5.77 5.23
CA THR A 306 -36.57 -5.10 6.40
C THR A 306 -35.93 -3.74 6.57
N ASP A 307 -34.61 -3.77 6.61
CA ASP A 307 -33.87 -2.56 6.84
C ASP A 307 -32.98 -2.18 5.64
N TRP A 308 -32.43 -0.99 5.73
CA TRP A 308 -31.60 -0.46 4.67
C TRP A 308 -30.18 -0.44 5.20
N GLN A 309 -29.32 -1.18 4.51
CA GLN A 309 -27.91 -1.21 4.90
C GLN A 309 -27.08 -0.35 3.95
N VAL A 310 -26.31 0.53 4.56
CA VAL A 310 -25.52 1.56 3.92
C VAL A 310 -24.03 1.31 4.18
N THR A 311 -23.27 1.41 3.07
CA THR A 311 -21.82 1.29 3.10
C THR A 311 -21.21 2.55 2.48
N ARG A 312 -20.33 3.26 3.20
CA ARG A 312 -19.68 4.42 2.61
C ARG A 312 -18.52 3.97 1.71
N THR A 313 -18.52 4.41 0.46
CA THR A 313 -17.42 4.05 -0.43
C THR A 313 -16.07 4.60 0.01
N ALA A 314 -16.04 5.74 0.71
CA ALA A 314 -14.76 6.35 1.06
C ALA A 314 -13.92 5.58 2.08
N ASP A 315 -14.57 5.01 3.11
CA ASP A 315 -13.87 4.35 4.20
C ASP A 315 -14.37 2.96 4.50
N ASN A 316 -15.32 2.51 3.71
CA ASN A 316 -15.88 1.17 3.82
C ASN A 316 -16.71 0.96 5.10
N THR A 317 -16.95 2.01 5.86
CA THR A 317 -17.77 1.86 7.05
C THR A 317 -19.21 1.56 6.67
N THR A 318 -19.91 0.80 7.51
CA THR A 318 -21.31 0.49 7.22
C THR A 318 -22.21 0.69 8.45
N PHE A 319 -23.51 0.76 8.20
CA PHE A 319 -24.46 0.93 9.29
C PHE A 319 -25.86 0.79 8.73
N THR A 320 -26.77 0.40 9.60
CA THR A 320 -28.19 0.31 9.30
C THR A 320 -28.76 1.71 9.43
N ALA A 321 -29.43 2.17 8.40
CA ALA A 321 -29.97 3.50 8.41
C ALA A 321 -31.15 3.59 9.38
N THR A 322 -31.21 4.67 10.14
CA THR A 322 -32.40 5.00 10.91
C THR A 322 -33.28 5.83 9.98
N LYS A 323 -34.60 5.80 10.24
CA LYS A 323 -35.59 6.50 9.43
C LYS A 323 -36.25 7.56 10.26
N ASP A 324 -36.61 8.68 9.65
CA ASP A 324 -37.26 9.73 10.42
C ASP A 324 -38.75 9.43 10.46
N ALA A 325 -39.51 10.33 11.10
CA ALA A 325 -40.97 10.15 11.21
C ALA A 325 -41.64 9.87 9.88
N ASP A 326 -41.05 10.42 8.82
CA ASP A 326 -41.63 10.32 7.51
C ASP A 326 -41.14 9.09 6.77
N GLY A 327 -40.34 8.28 7.46
CA GLY A 327 -39.79 7.10 6.81
C GLY A 327 -38.62 7.40 5.86
N LYS A 328 -37.98 8.55 6.03
CA LYS A 328 -36.83 8.84 5.19
C LYS A 328 -35.57 8.36 5.88
N LEU A 329 -34.65 7.77 5.12
CA LEU A 329 -33.38 7.35 5.69
C LEU A 329 -32.58 8.60 6.10
N GLU A 330 -31.95 8.53 7.26
CA GLU A 330 -31.14 9.64 7.74
C GLU A 330 -29.66 9.27 7.56
N ILE A 331 -28.99 9.92 6.61
CA ILE A 331 -27.59 9.59 6.30
C ILE A 331 -26.70 10.84 6.21
N ASP A 332 -25.76 10.98 7.13
CA ASP A 332 -24.80 12.05 7.03
C ASP A 332 -25.39 13.32 6.41
N GLY A 333 -26.28 13.99 7.15
CA GLY A 333 -26.84 15.29 6.73
C GLY A 333 -27.83 15.25 5.58
N LEU A 334 -28.22 14.07 5.16
CA LEU A 334 -29.15 13.94 4.06
C LEU A 334 -30.41 13.19 4.51
N LYS A 335 -31.50 13.38 3.80
CA LYS A 335 -32.68 12.55 4.00
C LYS A 335 -32.91 11.86 2.70
N VAL A 336 -33.10 10.55 2.74
CA VAL A 336 -33.31 9.82 1.53
C VAL A 336 -34.72 9.27 1.44
N THR A 337 -35.47 9.69 0.43
CA THR A 337 -36.82 9.20 0.23
C THR A 337 -36.76 7.91 -0.54
N VAL A 338 -37.34 6.85 0.02
CA VAL A 338 -37.35 5.53 -0.63
C VAL A 338 -38.65 5.20 -1.36
N GLY A 339 -39.76 5.76 -0.88
CA GLY A 339 -41.04 5.48 -1.49
C GLY A 339 -41.51 4.06 -1.27
N THR A 340 -41.98 3.43 -2.34
CA THR A 340 -42.49 2.08 -2.22
C THR A 340 -42.02 1.29 -3.44
N GLY A 341 -41.97 -0.02 -3.30
CA GLY A 341 -41.56 -0.89 -4.39
C GLY A 341 -40.29 -1.67 -4.12
N ALA A 342 -39.57 -1.28 -3.07
CA ALA A 342 -38.30 -1.91 -2.71
C ALA A 342 -38.41 -3.38 -2.38
N GLN A 343 -37.61 -4.20 -3.06
CA GLN A 343 -37.57 -5.63 -2.79
C GLN A 343 -36.23 -5.96 -2.13
N LYS A 344 -36.15 -7.12 -1.48
CA LYS A 344 -34.92 -7.54 -0.82
C LYS A 344 -33.77 -7.60 -1.82
N ASN A 345 -32.59 -7.19 -1.38
CA ASN A 345 -31.36 -7.18 -2.18
C ASN A 345 -31.29 -6.06 -3.25
N ASP A 346 -32.30 -5.19 -3.27
CA ASP A 346 -32.29 -4.04 -4.17
C ASP A 346 -31.18 -3.10 -3.74
N SER A 347 -30.43 -2.58 -4.71
CA SER A 347 -29.24 -1.80 -4.38
C SER A 347 -29.30 -0.43 -5.06
N PHE A 348 -28.73 0.60 -4.44
CA PHE A 348 -28.82 1.96 -4.97
C PHE A 348 -27.49 2.66 -4.67
N LEU A 349 -27.05 3.53 -5.55
CA LEU A 349 -25.77 4.21 -5.35
C LEU A 349 -26.08 5.66 -5.21
N LEU A 350 -25.86 6.19 -4.03
CA LEU A 350 -26.16 7.58 -3.72
C LEU A 350 -24.88 8.40 -3.79
N LYS A 351 -24.92 9.48 -4.56
CA LYS A 351 -23.74 10.37 -4.69
C LYS A 351 -24.20 11.75 -4.26
N PRO A 352 -23.88 12.13 -3.02
CA PRO A 352 -24.42 13.37 -2.48
C PRO A 352 -23.72 14.63 -2.97
N VAL A 353 -22.49 14.53 -3.47
CA VAL A 353 -21.79 15.76 -3.85
C VAL A 353 -21.14 15.76 -5.24
N SER A 354 -21.21 14.65 -5.96
CA SER A 354 -20.50 14.56 -7.21
C SER A 354 -20.99 15.59 -8.27
N ASN A 355 -22.25 16.01 -8.19
CA ASN A 355 -22.79 17.07 -9.08
C ASN A 355 -22.90 18.44 -8.39
N ALA A 356 -22.40 18.54 -7.18
CA ALA A 356 -22.48 19.79 -6.50
C ALA A 356 -21.96 20.94 -7.38
N ILE A 357 -20.79 20.73 -7.96
CA ILE A 357 -20.10 21.80 -8.67
C ILE A 357 -20.63 22.13 -10.04
N VAL A 358 -21.00 21.12 -10.82
CA VAL A 358 -21.40 21.43 -12.19
C VAL A 358 -22.62 22.33 -12.24
N ASP A 359 -23.41 22.32 -11.16
CA ASP A 359 -24.62 23.16 -11.09
C ASP A 359 -24.51 24.34 -10.13
N MET A 360 -23.28 24.65 -9.75
CA MET A 360 -23.03 25.77 -8.86
C MET A 360 -23.07 27.04 -9.70
N ASN A 361 -23.59 28.12 -9.13
CA ASN A 361 -23.65 29.44 -9.81
C ASN A 361 -23.89 30.55 -8.79
N VAL A 362 -23.56 31.78 -9.18
CA VAL A 362 -23.81 32.94 -8.34
C VAL A 362 -25.19 33.49 -8.66
N LYS A 363 -26.06 33.46 -7.66
CA LYS A 363 -27.44 33.95 -7.83
C LYS A 363 -27.58 35.45 -7.56
N VAL A 364 -26.70 35.98 -6.76
CA VAL A 364 -26.77 37.41 -6.47
C VAL A 364 -25.96 38.12 -7.53
N THR A 365 -26.68 38.71 -8.48
CA THR A 365 -26.10 39.44 -9.57
C THR A 365 -26.00 40.93 -9.25
N ASN A 366 -26.95 41.42 -8.45
CA ASN A 366 -27.04 42.85 -8.15
C ASN A 366 -26.25 43.29 -6.91
N GLU A 367 -25.27 44.18 -7.13
CA GLU A 367 -24.39 44.64 -6.05
C GLU A 367 -25.17 45.08 -4.84
N ALA A 368 -26.35 45.63 -5.07
CA ALA A 368 -27.21 46.10 -4.00
C ALA A 368 -27.85 44.98 -3.22
N GLU A 369 -27.95 43.80 -3.83
CA GLU A 369 -28.57 42.68 -3.13
C GLU A 369 -27.68 41.93 -2.11
N ILE A 370 -26.44 42.36 -1.94
CA ILE A 370 -25.62 41.72 -0.90
C ILE A 370 -26.11 42.12 0.51
N ALA A 371 -26.41 41.11 1.33
CA ALA A 371 -26.94 41.32 2.67
C ALA A 371 -25.86 41.52 3.74
N MET A 372 -25.34 42.73 3.83
CA MET A 372 -24.30 43.03 4.80
C MET A 372 -24.85 43.35 6.21
N ALA A 373 -26.09 43.77 6.30
CA ALA A 373 -26.70 44.24 7.55
C ALA A 373 -27.50 43.18 8.30
N SER A 374 -27.53 43.26 9.64
CA SER A 374 -28.33 42.33 10.45
C SER A 374 -29.74 42.82 10.61
N GLU A 375 -29.94 44.12 10.41
CA GLU A 375 -31.25 44.74 10.54
C GLU A 375 -31.64 45.44 9.26
N SER A 376 -32.92 45.47 8.98
CA SER A 376 -33.37 46.15 7.77
C SER A 376 -33.22 47.67 7.91
N LYS A 377 -32.42 48.25 7.01
CA LYS A 377 -32.23 49.68 6.90
C LYS A 377 -33.58 50.40 6.94
N LEU A 378 -34.63 49.65 6.63
CA LEU A 378 -36.00 50.14 6.65
C LEU A 378 -36.48 50.45 8.06
N SER A 387 -22.74 50.64 6.52
CA SER A 387 -23.37 51.05 7.82
C SER A 387 -23.48 49.84 8.73
N ASP A 388 -24.63 49.17 8.67
CA ASP A 388 -24.78 47.95 9.43
C ASP A 388 -24.05 46.88 8.61
N ASN A 389 -22.90 46.43 9.13
CA ASN A 389 -22.11 45.41 8.47
C ASN A 389 -22.02 44.09 9.27
N ARG A 390 -22.87 43.97 10.29
CA ARG A 390 -22.92 42.82 11.21
C ARG A 390 -23.07 41.46 10.51
N ASN A 391 -24.02 41.35 9.58
CA ASN A 391 -24.15 40.09 8.86
C ASN A 391 -22.92 39.82 7.99
N GLY A 392 -22.34 40.88 7.44
CA GLY A 392 -21.12 40.73 6.68
C GLY A 392 -20.04 40.12 7.53
N GLN A 393 -19.95 40.53 8.80
CA GLN A 393 -18.92 40.00 9.70
C GLN A 393 -19.26 38.54 10.01
N ALA A 394 -20.53 38.24 10.16
CA ALA A 394 -20.97 36.86 10.36
C ALA A 394 -20.55 35.95 9.16
N LEU A 395 -20.50 36.53 7.95
CA LEU A 395 -20.16 35.77 6.74
C LEU A 395 -18.68 35.58 6.64
N LEU A 396 -17.94 36.62 7.03
CA LEU A 396 -16.50 36.54 7.05
C LEU A 396 -16.02 35.61 8.15
N ASP A 397 -16.77 35.51 9.25
CA ASP A 397 -16.40 34.60 10.34
C ASP A 397 -16.50 33.13 9.91
N LEU A 398 -17.30 32.86 8.87
CA LEU A 398 -17.47 31.50 8.38
C LEU A 398 -16.10 30.92 8.01
N GLN A 399 -15.14 31.80 7.79
CA GLN A 399 -13.81 31.40 7.38
C GLN A 399 -13.06 30.62 8.46
N ASN A 400 -13.43 30.88 9.71
CA ASN A 400 -12.73 30.26 10.83
C ASN A 400 -13.55 29.15 11.50
N SER A 401 -14.69 28.86 10.89
CA SER A 401 -15.68 27.90 11.37
C SER A 401 -15.49 26.49 10.77
N ASN A 402 -15.78 25.44 11.53
CA ASN A 402 -15.60 24.06 11.03
C ASN A 402 -16.84 23.50 10.35
N VAL A 403 -17.22 24.10 9.24
CA VAL A 403 -18.45 23.69 8.59
C VAL A 403 -18.29 22.61 7.53
N VAL A 404 -17.07 22.17 7.22
CA VAL A 404 -16.91 21.08 6.25
C VAL A 404 -16.82 19.77 7.03
N GLY A 405 -17.85 18.95 6.94
CA GLY A 405 -17.83 17.70 7.68
C GLY A 405 -17.85 17.84 9.20
N GLY A 406 -18.10 19.06 9.68
CA GLY A 406 -18.18 19.34 11.10
C GLY A 406 -16.85 19.56 11.79
N ASN A 407 -15.75 19.49 11.04
CA ASN A 407 -14.43 19.53 11.69
C ASN A 407 -13.30 20.22 10.93
N LYS A 408 -13.63 20.83 9.80
CA LYS A 408 -12.61 21.55 9.04
C LYS A 408 -13.14 22.85 8.50
N THR A 409 -12.27 23.83 8.39
CA THR A 409 -12.64 25.09 7.74
C THR A 409 -12.46 24.92 6.23
N PHE A 410 -12.97 25.88 5.46
CA PHE A 410 -12.82 25.80 4.01
C PHE A 410 -11.36 25.67 3.64
N ASN A 411 -10.53 26.54 4.22
CA ASN A 411 -9.10 26.50 3.93
C ASN A 411 -8.43 25.20 4.35
N ASP A 412 -8.82 24.67 5.51
CA ASP A 412 -8.28 23.41 6.03
C ASP A 412 -8.65 22.23 5.12
N ALA A 413 -9.88 22.28 4.62
CA ALA A 413 -10.38 21.24 3.74
C ALA A 413 -9.65 21.23 2.38
N TYR A 414 -9.46 22.39 1.74
CA TYR A 414 -8.74 22.40 0.45
C TYR A 414 -7.27 22.06 0.66
N ALA A 415 -6.62 22.75 1.61
CA ALA A 415 -5.22 22.49 1.90
C ALA A 415 -4.95 21.00 2.08
N THR A 416 -5.79 20.35 2.86
CA THR A 416 -5.65 18.95 3.13
C THR A 416 -5.81 18.11 1.86
N LEU A 417 -6.75 18.47 1.01
CA LEU A 417 -6.90 17.75 -0.25
C LEU A 417 -5.59 17.89 -1.05
N VAL A 418 -5.13 19.12 -1.26
CA VAL A 418 -3.89 19.38 -1.98
C VAL A 418 -2.72 18.55 -1.42
N SER A 419 -2.59 18.62 -0.10
CA SER A 419 -1.55 17.89 0.60
C SER A 419 -1.67 16.40 0.36
N ASP A 420 -2.87 15.86 0.61
CA ASP A 420 -3.14 14.44 0.44
C ASP A 420 -2.82 13.98 -1.00
N VAL A 421 -3.29 14.72 -1.98
CA VAL A 421 -2.99 14.31 -3.33
C VAL A 421 -1.48 14.35 -3.59
N GLY A 422 -0.84 15.43 -3.16
CA GLY A 422 0.60 15.60 -3.34
C GLY A 422 1.44 14.48 -2.78
N ASN A 423 1.05 14.02 -1.60
CA ASN A 423 1.70 12.91 -0.90
C ASN A 423 1.47 11.56 -1.53
N LYS A 424 0.24 11.32 -1.94
CA LYS A 424 -0.09 10.08 -2.63
C LYS A 424 0.69 10.04 -3.95
N THR A 425 0.83 11.19 -4.60
CA THR A 425 1.55 11.27 -5.86
C THR A 425 3.05 10.95 -5.69
N SER A 426 3.68 11.57 -4.70
CA SER A 426 5.11 11.38 -4.52
C SER A 426 5.42 9.94 -4.21
N THR A 427 4.56 9.33 -3.39
CA THR A 427 4.72 7.97 -2.98
C THR A 427 4.59 7.01 -4.16
N LEU A 428 3.59 7.21 -5.01
CA LEU A 428 3.44 6.41 -6.21
C LEU A 428 4.63 6.59 -7.14
N LYS A 429 5.19 7.81 -7.16
CA LYS A 429 6.36 8.08 -7.98
C LYS A 429 7.51 7.13 -7.60
N THR A 430 7.69 6.96 -6.29
CA THR A 430 8.74 6.15 -5.65
C THR A 430 8.51 4.67 -5.91
N SER A 431 7.38 4.15 -5.45
CA SER A 431 6.95 2.81 -5.82
C SER A 431 7.05 2.47 -7.30
N SER A 432 6.63 3.37 -8.18
CA SER A 432 6.64 3.05 -9.61
C SER A 432 8.05 3.05 -10.20
N THR A 433 8.86 4.01 -9.80
CA THR A 433 10.24 4.03 -10.23
C THR A 433 10.90 2.77 -9.70
N THR A 434 10.75 2.48 -8.41
CA THR A 434 11.35 1.26 -7.88
C THR A 434 10.91 0.00 -8.64
N GLN A 435 9.61 -0.11 -8.89
CA GLN A 435 9.14 -1.31 -9.56
C GLN A 435 9.67 -1.38 -11.00
N ALA A 436 9.73 -0.24 -11.66
CA ALA A 436 10.23 -0.23 -13.03
C ALA A 436 11.72 -0.64 -13.06
N ASN A 437 12.45 -0.31 -12.01
CA ASN A 437 13.85 -0.70 -11.91
C ASN A 437 13.97 -2.20 -11.69
N VAL A 438 13.04 -2.75 -10.91
CA VAL A 438 13.04 -4.16 -10.63
C VAL A 438 12.92 -4.91 -11.96
N VAL A 439 12.00 -4.41 -12.80
CA VAL A 439 11.78 -5.01 -14.09
C VAL A 439 13.07 -4.99 -14.91
N LYS A 440 13.76 -3.86 -14.96
CA LYS A 440 14.99 -3.79 -15.73
C LYS A 440 16.05 -4.74 -15.16
N GLN A 441 16.15 -4.82 -13.83
CA GLN A 441 17.16 -5.68 -13.24
C GLN A 441 16.91 -7.15 -13.55
N LEU A 442 15.65 -7.58 -13.47
CA LEU A 442 15.29 -8.96 -13.72
C LEU A 442 15.47 -9.33 -15.18
N TYR A 443 15.10 -8.42 -16.07
CA TYR A 443 15.22 -8.65 -17.49
C TYR A 443 16.70 -8.89 -17.85
N LYS A 444 17.57 -8.09 -17.27
CA LYS A 444 19.01 -8.25 -17.49
C LYS A 444 19.45 -9.63 -16.99
N GLN A 445 19.14 -9.93 -15.74
CA GLN A 445 19.49 -11.21 -15.18
C GLN A 445 18.91 -12.36 -15.99
N GLN A 446 17.96 -12.05 -16.86
CA GLN A 446 17.36 -13.09 -17.68
C GLN A 446 18.11 -13.23 -18.99
N GLN A 447 18.45 -12.09 -19.59
CA GLN A 447 19.15 -12.09 -20.86
C GLN A 447 20.50 -12.80 -20.77
N SER A 448 21.21 -12.59 -19.67
CA SER A 448 22.52 -13.20 -19.49
C SER A 448 22.38 -14.67 -19.11
N ILE B 7 48.99 -3.28 -5.42
CA ILE B 7 47.83 -3.54 -4.51
C ILE B 7 48.11 -4.70 -3.58
N THR B 8 48.35 -4.38 -2.31
CA THR B 8 48.61 -5.39 -1.32
C THR B 8 47.29 -5.96 -0.83
N ASN B 9 47.35 -7.14 -0.22
CA ASN B 9 46.15 -7.74 0.34
C ASN B 9 45.66 -6.86 1.48
N GLN B 10 46.54 -5.98 1.95
CA GLN B 10 46.21 -5.03 2.99
C GLN B 10 45.29 -3.97 2.41
N LEU B 11 45.68 -3.40 1.27
CA LEU B 11 44.81 -2.44 0.59
C LEU B 11 43.61 -3.19 0.03
N ARG B 12 43.88 -4.33 -0.59
CA ARG B 12 42.85 -5.18 -1.19
C ARG B 12 41.82 -5.54 -0.14
N GLY B 13 42.30 -5.93 1.03
CA GLY B 13 41.45 -6.33 2.14
C GLY B 13 40.70 -5.14 2.75
N ALA B 14 41.40 -4.02 2.91
CA ALA B 14 40.78 -2.79 3.41
C ALA B 14 39.66 -2.32 2.49
N GLN B 15 39.87 -2.45 1.18
CA GLN B 15 38.84 -2.12 0.20
C GLN B 15 37.66 -3.06 0.25
N ASN B 16 37.89 -4.36 0.36
CA ASN B 16 36.71 -5.22 0.40
C ASN B 16 35.96 -4.99 1.71
N GLN B 17 36.68 -4.64 2.77
CA GLN B 17 36.01 -4.33 4.04
C GLN B 17 35.22 -3.03 3.92
N SER B 18 35.87 -2.00 3.37
CA SER B 18 35.22 -0.70 3.16
C SER B 18 33.97 -0.90 2.28
N SER B 19 34.10 -1.65 1.20
CA SER B 19 32.92 -1.96 0.37
C SER B 19 31.76 -2.56 1.19
N GLY B 20 32.09 -3.48 2.08
CA GLY B 20 31.08 -4.08 2.93
C GLY B 20 30.40 -3.07 3.86
N LEU B 21 31.21 -2.28 4.53
CA LEU B 21 30.70 -1.31 5.50
C LEU B 21 29.85 -0.24 4.84
N THR B 22 30.30 0.22 3.66
CA THR B 22 29.64 1.32 2.94
C THR B 22 28.30 0.87 2.44
N THR B 23 28.30 -0.33 1.88
CA THR B 23 27.07 -0.97 1.39
C THR B 23 26.02 -1.14 2.48
N ARG B 24 26.44 -1.66 3.62
CA ARG B 24 25.49 -1.86 4.71
C ARG B 24 24.98 -0.52 5.21
N TYR B 25 25.88 0.44 5.35
CA TYR B 25 25.48 1.78 5.79
C TYR B 25 24.46 2.32 4.79
N GLU B 26 24.80 2.20 3.52
CA GLU B 26 23.90 2.74 2.55
C GLU B 26 22.51 2.06 2.62
N GLN B 27 22.45 0.78 2.92
CA GLN B 27 21.14 0.13 2.91
C GLN B 27 20.36 0.47 4.17
N MET B 28 21.06 0.57 5.29
CA MET B 28 20.44 0.92 6.55
C MET B 28 19.92 2.34 6.47
N SER B 29 20.61 3.16 5.66
CA SER B 29 20.26 4.58 5.51
C SER B 29 18.87 4.73 4.96
N LYS B 30 18.52 3.84 4.04
CA LYS B 30 17.20 3.88 3.47
C LYS B 30 16.16 3.64 4.54
N ILE B 31 16.48 2.80 5.53
CA ILE B 31 15.50 2.51 6.57
C ILE B 31 15.40 3.68 7.53
N ASP B 32 16.52 4.32 7.81
CA ASP B 32 16.54 5.49 8.66
C ASP B 32 15.70 6.58 7.97
N ASN B 33 15.95 6.82 6.69
CA ASN B 33 15.20 7.85 5.95
C ASN B 33 13.71 7.59 6.03
N LEU B 34 13.32 6.32 5.82
CA LEU B 34 11.94 5.91 5.80
C LEU B 34 11.25 6.21 7.11
N LEU B 35 11.93 5.95 8.21
CA LEU B 35 11.33 6.19 9.50
C LEU B 35 11.39 7.66 9.89
N ALA B 36 12.08 8.47 9.08
CA ALA B 36 12.19 9.90 9.31
C ALA B 36 11.21 10.69 8.41
N ASP B 37 10.65 10.01 7.41
CA ASP B 37 9.75 10.65 6.46
C ASP B 37 8.46 11.20 7.09
N LYS B 38 7.78 12.08 6.37
CA LYS B 38 6.55 12.69 6.89
C LYS B 38 5.29 11.95 6.41
N SER B 39 5.46 10.75 5.87
CA SER B 39 4.34 9.91 5.48
C SER B 39 4.46 8.64 6.27
N SER B 40 5.62 8.45 6.88
CA SER B 40 5.86 7.30 7.72
C SER B 40 5.62 7.73 9.15
N SER B 41 4.40 8.08 9.48
CA SER B 41 4.17 8.38 10.87
C SER B 41 3.25 7.36 11.49
N LEU B 42 3.82 6.23 11.90
CA LEU B 42 3.04 5.19 12.57
C LEU B 42 2.76 5.70 13.95
N SER B 43 3.67 6.53 14.41
CA SER B 43 3.54 7.13 15.72
C SER B 43 2.29 8.04 15.73
N GLY B 44 2.17 8.85 14.70
CA GLY B 44 1.02 9.73 14.58
C GLY B 44 -0.23 8.92 14.31
N SER B 45 -0.07 7.84 13.58
CA SER B 45 -1.19 6.99 13.25
C SER B 45 -1.73 6.24 14.47
N LEU B 46 -0.83 5.84 15.35
CA LEU B 46 -1.20 5.24 16.63
C LEU B 46 -1.92 6.24 17.53
N GLN B 47 -1.44 7.48 17.56
CA GLN B 47 -2.05 8.48 18.42
C GLN B 47 -3.42 8.88 17.87
N SER B 48 -3.52 9.04 16.55
CA SER B 48 -4.81 9.36 15.94
C SER B 48 -5.87 8.33 16.28
N PHE B 49 -5.46 7.06 16.30
CA PHE B 49 -6.36 5.96 16.62
C PHE B 49 -6.82 6.09 18.05
N PHE B 50 -5.89 6.34 18.95
CA PHE B 50 -6.27 6.38 20.36
C PHE B 50 -7.05 7.63 20.73
N THR B 51 -6.74 8.73 20.03
CA THR B 51 -7.45 9.98 20.21
C THR B 51 -8.89 9.77 19.84
N SER B 52 -9.13 9.10 18.71
CA SER B 52 -10.51 8.81 18.33
C SER B 52 -11.14 7.84 19.29
N LEU B 53 -10.34 6.95 19.86
CA LEU B 53 -10.91 6.02 20.83
C LEU B 53 -11.40 6.80 22.05
N GLN B 54 -10.60 7.76 22.51
CA GLN B 54 -10.94 8.64 23.63
C GLN B 54 -12.23 9.40 23.32
N THR B 55 -12.38 9.84 22.08
CA THR B 55 -13.57 10.58 21.65
C THR B 55 -14.81 9.71 21.77
N LEU B 56 -14.66 8.46 21.33
CA LEU B 56 -15.79 7.54 21.35
C LEU B 56 -16.14 7.13 22.79
N VAL B 57 -15.10 7.01 23.61
CA VAL B 57 -15.27 6.65 25.00
C VAL B 57 -16.15 7.69 25.68
N SER B 58 -15.95 8.96 25.34
CA SER B 58 -16.75 10.03 25.92
C SER B 58 -18.17 10.09 25.35
N ASN B 59 -18.33 9.66 24.10
CA ASN B 59 -19.62 9.69 23.44
C ASN B 59 -19.92 8.33 22.83
N ALA B 60 -19.88 7.32 23.69
CA ALA B 60 -19.99 5.91 23.32
C ALA B 60 -21.04 5.45 22.33
N GLU B 61 -22.15 6.17 22.22
CA GLU B 61 -23.19 5.74 21.29
C GLU B 61 -23.25 6.56 19.99
N ASP B 62 -22.42 7.60 19.91
CA ASP B 62 -22.44 8.47 18.74
C ASP B 62 -21.94 7.74 17.50
N PRO B 63 -22.80 7.67 16.48
CA PRO B 63 -22.47 7.05 15.19
C PRO B 63 -21.21 7.62 14.55
N ALA B 64 -21.07 8.94 14.53
CA ALA B 64 -19.91 9.59 13.95
C ALA B 64 -18.64 9.15 14.63
N ALA B 65 -18.70 9.17 15.96
CA ALA B 65 -17.59 8.77 16.80
C ALA B 65 -17.19 7.34 16.49
N ARG B 66 -18.17 6.48 16.22
CA ARG B 66 -17.90 5.10 15.85
C ARG B 66 -17.26 5.02 14.46
N GLN B 67 -17.87 5.71 13.49
CA GLN B 67 -17.38 5.71 12.12
C GLN B 67 -15.94 6.13 12.11
N ALA B 68 -15.61 7.14 12.92
CA ALA B 68 -14.24 7.66 12.99
C ALA B 68 -13.22 6.67 13.56
N LEU B 69 -13.61 5.89 14.57
CA LEU B 69 -12.72 4.89 15.13
C LEU B 69 -12.38 3.86 14.05
N ILE B 70 -13.41 3.43 13.32
CA ILE B 70 -13.17 2.49 12.24
C ILE B 70 -12.23 3.09 11.17
N GLY B 71 -12.49 4.34 10.78
CA GLY B 71 -11.60 5.03 9.85
C GLY B 71 -10.14 5.07 10.28
N LYS B 72 -9.93 5.42 11.56
CA LYS B 72 -8.59 5.52 12.13
C LYS B 72 -7.87 4.18 12.25
N ALA B 73 -8.65 3.13 12.45
CA ALA B 73 -8.16 1.77 12.51
C ALA B 73 -7.68 1.36 11.12
N GLU B 74 -8.43 1.76 10.11
CA GLU B 74 -8.01 1.48 8.74
C GLU B 74 -6.75 2.27 8.40
N GLY B 75 -6.70 3.53 8.81
CA GLY B 75 -5.53 4.34 8.60
C GLY B 75 -4.33 3.71 9.29
N LEU B 76 -4.54 3.19 10.51
CA LEU B 76 -3.44 2.60 11.26
C LEU B 76 -2.92 1.35 10.53
N VAL B 77 -3.84 0.47 10.16
CA VAL B 77 -3.47 -0.71 9.38
C VAL B 77 -2.75 -0.38 8.06
N ASN B 78 -3.26 0.61 7.32
CA ASN B 78 -2.57 0.99 6.11
C ASN B 78 -1.16 1.49 6.33
N GLN B 79 -0.99 2.35 7.31
CA GLN B 79 0.35 2.77 7.72
C GLN B 79 1.29 1.61 8.17
N PHE B 80 0.83 0.65 8.97
CA PHE B 80 1.69 -0.52 9.18
C PHE B 80 2.05 -1.14 7.80
N LYS B 81 1.07 -1.32 6.94
CA LYS B 81 1.31 -2.00 5.66
C LYS B 81 2.26 -1.23 4.73
N THR B 82 2.12 0.09 4.68
CA THR B 82 3.00 0.94 3.89
C THR B 82 4.44 0.82 4.35
N THR B 83 4.65 0.91 5.64
CA THR B 83 5.99 0.80 6.21
C THR B 83 6.57 -0.59 5.94
N ASP B 84 5.77 -1.61 6.21
CA ASP B 84 6.19 -2.98 5.96
C ASP B 84 6.49 -3.24 4.51
N GLN B 85 5.63 -2.74 3.62
CA GLN B 85 5.84 -2.94 2.20
C GLN B 85 7.15 -2.32 1.70
N TYR B 86 7.55 -1.17 2.24
CA TYR B 86 8.85 -0.61 1.88
C TYR B 86 9.98 -1.56 2.31
N LEU B 87 9.84 -2.16 3.48
CA LEU B 87 10.90 -3.04 3.96
C LEU B 87 10.94 -4.27 3.04
N ARG B 88 9.77 -4.71 2.61
CA ARG B 88 9.68 -5.91 1.76
C ARG B 88 10.22 -5.64 0.37
N ASP B 89 10.01 -4.43 -0.13
CA ASP B 89 10.53 -4.08 -1.44
C ASP B 89 12.05 -4.05 -1.34
N GLN B 90 12.58 -3.64 -0.19
CA GLN B 90 14.01 -3.60 -0.01
C GLN B 90 14.59 -5.02 0.01
N ASP B 91 13.84 -5.95 0.58
CA ASP B 91 14.27 -7.33 0.65
C ASP B 91 14.34 -7.90 -0.75
N LYS B 92 13.35 -7.56 -1.55
CA LYS B 92 13.32 -7.99 -2.94
C LYS B 92 14.54 -7.42 -3.70
N GLN B 93 14.88 -6.17 -3.47
CA GLN B 93 16.04 -5.58 -4.14
C GLN B 93 17.34 -6.27 -3.71
N VAL B 94 17.43 -6.61 -2.43
CA VAL B 94 18.60 -7.30 -1.93
C VAL B 94 18.75 -8.64 -2.63
N ASN B 95 17.65 -9.37 -2.77
CA ASN B 95 17.67 -10.65 -3.48
C ASN B 95 18.13 -10.53 -4.94
N ILE B 96 17.62 -9.52 -5.66
CA ILE B 96 18.02 -9.27 -7.03
C ILE B 96 19.47 -8.84 -7.09
N ALA B 97 19.91 -8.04 -6.14
CA ALA B 97 21.29 -7.58 -6.11
C ALA B 97 22.29 -8.73 -5.86
N ILE B 98 21.85 -9.78 -5.17
CA ILE B 98 22.70 -10.94 -4.90
C ILE B 98 22.93 -11.64 -6.21
N GLY B 99 21.86 -11.80 -6.97
CA GLY B 99 21.94 -12.36 -8.30
C GLY B 99 22.86 -11.50 -9.17
N SER B 100 22.62 -10.20 -9.17
CA SER B 100 23.44 -9.29 -9.99
C SER B 100 24.88 -9.38 -9.56
N SER B 101 25.09 -9.41 -8.25
CA SER B 101 26.46 -9.55 -7.75
C SER B 101 27.14 -10.86 -8.21
N VAL B 102 26.41 -11.96 -8.18
CA VAL B 102 26.98 -13.24 -8.61
C VAL B 102 27.29 -13.15 -10.10
N ALA B 103 26.39 -12.56 -10.89
CA ALA B 103 26.63 -12.45 -12.33
C ALA B 103 27.89 -11.66 -12.63
N GLN B 104 28.11 -10.56 -11.94
CA GLN B 104 29.28 -9.76 -12.20
C GLN B 104 30.58 -10.46 -11.74
N ILE B 105 30.56 -11.08 -10.56
CA ILE B 105 31.71 -11.84 -10.08
C ILE B 105 32.14 -12.89 -11.11
N ASN B 106 31.16 -13.63 -11.60
CA ASN B 106 31.36 -14.65 -12.60
C ASN B 106 32.01 -14.09 -13.89
N ASN B 107 31.51 -12.95 -14.35
CA ASN B 107 32.03 -12.30 -15.55
C ASN B 107 33.49 -11.89 -15.32
N TYR B 108 33.76 -11.23 -14.20
CA TYR B 108 35.14 -10.85 -13.87
C TYR B 108 36.10 -12.05 -13.85
N ALA B 109 35.70 -13.13 -13.17
CA ALA B 109 36.50 -14.34 -13.09
C ALA B 109 36.91 -14.80 -14.49
N LYS B 110 35.95 -14.89 -15.40
CA LYS B 110 36.21 -15.30 -16.76
C LYS B 110 37.19 -14.34 -17.45
N GLN B 111 37.02 -13.06 -17.22
CA GLN B 111 37.91 -12.11 -17.88
C GLN B 111 39.30 -12.27 -17.33
N ILE B 112 39.40 -12.47 -16.01
CA ILE B 112 40.68 -12.59 -15.36
C ILE B 112 41.39 -13.87 -15.76
N ALA B 113 40.63 -14.94 -15.86
CA ALA B 113 41.18 -16.23 -16.27
C ALA B 113 41.76 -16.10 -17.67
N ASN B 114 41.03 -15.41 -18.53
CA ASN B 114 41.44 -15.20 -19.90
C ASN B 114 42.73 -14.38 -20.01
N LEU B 115 42.84 -13.31 -19.22
CA LEU B 115 44.03 -12.51 -19.21
C LEU B 115 45.20 -13.34 -18.72
N ASN B 116 44.95 -14.15 -17.68
CA ASN B 116 45.96 -15.06 -17.15
C ASN B 116 46.53 -15.87 -18.31
N ASP B 117 45.64 -16.31 -19.19
CA ASP B 117 46.02 -17.16 -20.30
C ASP B 117 46.91 -16.41 -21.31
N GLN B 118 46.42 -15.27 -21.77
CA GLN B 118 47.14 -14.39 -22.67
C GLN B 118 48.52 -14.09 -22.13
N ILE B 119 48.58 -13.70 -20.87
CA ILE B 119 49.83 -13.32 -20.24
C ILE B 119 50.81 -14.51 -20.14
N SER B 120 50.28 -15.72 -20.08
CA SER B 120 51.13 -16.90 -19.94
C SER B 120 51.82 -17.34 -21.25
N ARG B 121 51.14 -17.08 -22.36
CA ARG B 121 51.64 -17.45 -23.66
C ARG B 121 52.73 -16.48 -24.12
N MET B 122 52.84 -15.35 -23.43
CA MET B 122 53.84 -14.34 -23.76
C MET B 122 55.19 -14.66 -23.16
N ASN B 132 52.42 -5.25 -20.14
CA ASN B 132 52.10 -4.30 -19.03
C ASN B 132 50.67 -3.72 -19.11
N ASP B 133 50.08 -3.73 -20.30
CA ASP B 133 48.71 -3.25 -20.42
C ASP B 133 47.76 -4.31 -19.88
N LEU B 134 48.01 -5.56 -20.24
CA LEU B 134 47.23 -6.68 -19.77
C LEU B 134 47.54 -6.92 -18.31
N LEU B 135 48.78 -6.67 -17.91
CA LEU B 135 49.14 -6.84 -16.51
C LEU B 135 48.29 -5.89 -15.69
N ASP B 136 47.99 -4.73 -16.26
CA ASP B 136 47.23 -3.73 -15.54
C ASP B 136 45.76 -4.00 -15.63
N GLN B 137 45.33 -4.52 -16.77
CA GLN B 137 43.93 -4.85 -16.98
C GLN B 137 43.55 -5.97 -16.01
N ARG B 138 44.52 -6.84 -15.71
CA ARG B 138 44.29 -7.95 -14.81
C ARG B 138 44.16 -7.43 -13.38
N ASP B 139 45.10 -6.61 -12.96
CA ASP B 139 45.08 -6.09 -11.59
C ASP B 139 43.84 -5.25 -11.29
N GLN B 140 43.37 -4.54 -12.30
CA GLN B 140 42.20 -3.70 -12.12
C GLN B 140 40.98 -4.57 -11.97
N LEU B 141 40.87 -5.58 -12.83
CA LEU B 141 39.77 -6.51 -12.82
C LEU B 141 39.67 -7.23 -11.49
N VAL B 142 40.83 -7.52 -10.90
CA VAL B 142 40.92 -8.20 -9.62
C VAL B 142 40.44 -7.30 -8.48
N SER B 143 40.91 -6.05 -8.48
CA SER B 143 40.48 -5.07 -7.47
C SER B 143 38.96 -4.90 -7.49
N GLU B 144 38.37 -4.86 -8.69
CA GLU B 144 36.93 -4.69 -8.85
C GLU B 144 36.17 -5.89 -8.30
N LEU B 145 36.68 -7.09 -8.55
CA LEU B 145 36.04 -8.33 -8.11
C LEU B 145 36.07 -8.36 -6.59
N ASN B 146 37.20 -7.99 -6.03
CA ASN B 146 37.42 -7.95 -4.61
C ASN B 146 36.50 -6.97 -3.87
N LYS B 147 35.99 -5.98 -4.59
CA LYS B 147 35.08 -5.01 -4.01
C LYS B 147 33.72 -5.64 -3.78
N ILE B 148 33.36 -6.58 -4.65
CA ILE B 148 32.11 -7.34 -4.55
C ILE B 148 32.20 -8.51 -3.57
N VAL B 149 33.26 -9.32 -3.69
CA VAL B 149 33.45 -10.41 -2.74
C VAL B 149 34.94 -10.59 -2.53
N GLY B 150 35.32 -10.71 -1.26
CA GLY B 150 36.72 -10.83 -0.90
C GLY B 150 37.44 -11.99 -1.53
N VAL B 151 38.58 -11.71 -2.16
CA VAL B 151 39.44 -12.76 -2.71
C VAL B 151 40.90 -12.51 -2.37
N GLU B 152 41.63 -13.60 -2.27
CA GLU B 152 43.06 -13.48 -2.09
C GLU B 152 43.79 -13.88 -3.36
N VAL B 153 44.82 -13.12 -3.68
CA VAL B 153 45.53 -13.34 -4.90
C VAL B 153 46.70 -14.20 -4.53
N SER B 154 46.96 -15.18 -5.38
CA SER B 154 48.06 -16.09 -5.21
C SER B 154 48.77 -16.16 -6.57
N VAL B 155 50.09 -16.26 -6.58
CA VAL B 155 50.79 -16.36 -7.84
C VAL B 155 51.39 -17.72 -8.11
N GLN B 156 51.09 -18.27 -9.28
CA GLN B 156 51.69 -19.56 -9.66
C GLN B 156 53.12 -19.41 -10.19
N ASP B 157 53.89 -20.49 -10.17
CA ASP B 157 55.25 -20.50 -10.68
C ASP B 157 55.33 -19.86 -12.06
N GLY B 158 54.31 -20.00 -12.90
CA GLY B 158 54.39 -19.38 -14.21
C GLY B 158 54.08 -17.89 -14.19
N GLY B 159 53.76 -17.37 -13.02
CA GLY B 159 53.39 -15.97 -12.89
C GLY B 159 51.89 -15.75 -13.03
N THR B 160 51.15 -16.82 -13.29
CA THR B 160 49.72 -16.63 -13.44
C THR B 160 49.02 -16.52 -12.07
N TYR B 161 47.87 -15.86 -12.05
CA TYR B 161 47.14 -15.59 -10.80
C TYR B 161 46.12 -16.64 -10.39
N ASN B 162 46.03 -16.88 -9.09
CA ASN B 162 44.93 -17.63 -8.49
C ASN B 162 44.11 -16.68 -7.67
N LEU B 163 42.79 -16.71 -7.80
CA LEU B 163 41.89 -15.98 -6.88
C LEU B 163 41.15 -17.00 -5.96
N THR B 164 41.24 -16.83 -4.65
CA THR B 164 40.64 -17.78 -3.75
C THR B 164 39.74 -17.06 -2.73
N MET B 165 38.50 -17.52 -2.57
CA MET B 165 37.60 -16.90 -1.59
C MET B 165 37.95 -17.37 -0.17
N ALA B 166 37.36 -16.72 0.83
CA ALA B 166 37.67 -17.07 2.22
C ALA B 166 37.30 -18.52 2.57
N ASN B 167 36.30 -19.07 1.89
CA ASN B 167 35.90 -20.46 2.10
C ASN B 167 36.79 -21.40 1.32
N GLY B 168 37.76 -20.84 0.61
CA GLY B 168 38.65 -21.69 -0.16
C GLY B 168 38.26 -21.93 -1.59
N TYR B 169 37.12 -21.39 -2.01
CA TYR B 169 36.72 -21.60 -3.39
C TYR B 169 37.65 -20.90 -4.38
N THR B 170 38.14 -21.66 -5.36
CA THR B 170 39.08 -21.10 -6.32
C THR B 170 38.39 -20.53 -7.57
N LEU B 171 38.01 -19.26 -7.52
CA LEU B 171 37.29 -18.64 -8.63
C LEU B 171 38.13 -18.61 -9.91
N VAL B 172 39.41 -18.34 -9.76
CA VAL B 172 40.32 -18.29 -10.91
C VAL B 172 41.57 -19.13 -10.64
N GLN B 173 41.89 -20.09 -11.49
CA GLN B 173 43.08 -20.92 -11.28
C GLN B 173 43.82 -20.95 -12.63
N GLY B 174 44.79 -20.07 -12.79
CA GLY B 174 45.53 -19.97 -14.04
C GLY B 174 44.50 -19.59 -15.10
N SER B 175 44.30 -20.47 -16.08
CA SER B 175 43.37 -20.25 -17.19
C SER B 175 41.96 -20.67 -16.82
N THR B 176 41.80 -21.27 -15.65
CA THR B 176 40.48 -21.77 -15.34
C THR B 176 39.64 -20.75 -14.57
N ALA B 177 38.44 -20.51 -15.06
CA ALA B 177 37.48 -19.68 -14.35
C ALA B 177 36.37 -20.60 -13.81
N ARG B 178 35.96 -20.39 -12.57
CA ARG B 178 34.92 -21.20 -11.94
C ARG B 178 33.76 -20.26 -11.58
N GLN B 179 32.58 -20.77 -11.26
CA GLN B 179 31.51 -19.83 -11.00
C GLN B 179 30.72 -20.01 -9.70
N LEU B 180 30.07 -18.95 -9.28
CA LEU B 180 29.16 -19.01 -8.16
C LEU B 180 27.75 -19.00 -8.76
N ALA B 181 26.77 -19.35 -7.94
CA ALA B 181 25.39 -19.32 -8.40
C ALA B 181 24.49 -18.67 -7.34
N ALA B 182 23.49 -17.93 -7.78
CA ALA B 182 22.51 -17.34 -6.86
C ALA B 182 21.40 -18.38 -6.74
N VAL B 183 21.11 -18.83 -5.53
CA VAL B 183 20.14 -19.91 -5.39
C VAL B 183 19.18 -19.72 -4.21
N PRO B 184 18.02 -20.36 -4.27
CA PRO B 184 17.11 -20.29 -3.13
C PRO B 184 17.81 -20.96 -1.96
N SER B 185 17.83 -20.30 -0.81
CA SER B 185 18.48 -20.86 0.36
C SER B 185 17.75 -22.12 0.81
N SER B 186 18.51 -23.06 1.36
CA SER B 186 17.89 -24.30 1.82
C SER B 186 16.96 -24.10 3.02
N ALA B 187 17.24 -23.10 3.84
CA ALA B 187 16.43 -22.87 5.03
C ALA B 187 15.19 -22.04 4.74
N ASP B 188 15.20 -21.35 3.60
CA ASP B 188 14.13 -20.41 3.30
C ASP B 188 14.06 -20.15 1.82
N PRO B 189 13.05 -20.72 1.18
CA PRO B 189 12.92 -20.63 -0.28
C PRO B 189 12.67 -19.21 -0.78
N THR B 190 12.37 -18.26 0.11
CA THR B 190 12.02 -16.92 -0.38
C THR B 190 13.27 -16.08 -0.36
N ARG B 191 14.34 -16.66 0.13
CA ARG B 191 15.57 -15.95 0.23
C ARG B 191 16.61 -16.46 -0.74
N THR B 192 17.23 -15.53 -1.46
CA THR B 192 18.30 -15.86 -2.38
C THR B 192 19.62 -15.82 -1.61
N THR B 193 20.48 -16.82 -1.85
CA THR B 193 21.80 -16.83 -1.25
C THR B 193 22.81 -17.26 -2.29
N VAL B 194 24.03 -17.60 -1.87
CA VAL B 194 25.11 -17.83 -2.80
C VAL B 194 25.68 -19.23 -2.63
N ALA B 195 25.93 -19.90 -3.75
CA ALA B 195 26.53 -21.21 -3.71
C ALA B 195 27.71 -21.24 -4.67
N TYR B 196 28.66 -22.14 -4.42
CA TYR B 196 29.72 -22.41 -5.35
C TYR B 196 29.29 -23.62 -6.17
N VAL B 197 29.90 -23.77 -7.35
CA VAL B 197 29.48 -24.84 -8.23
C VAL B 197 30.46 -25.99 -8.28
N ASP B 198 30.03 -27.16 -7.84
CA ASP B 198 30.84 -28.37 -7.97
C ASP B 198 30.49 -29.00 -9.32
N GLU B 199 31.48 -29.15 -10.20
CA GLU B 199 31.27 -29.75 -11.51
C GLU B 199 30.41 -31.02 -11.47
N ALA B 200 30.55 -31.83 -10.40
CA ALA B 200 29.82 -33.10 -10.27
C ALA B 200 28.56 -33.05 -9.41
N ALA B 201 28.66 -32.53 -8.18
CA ALA B 201 27.50 -32.50 -7.28
C ALA B 201 26.54 -31.33 -7.52
N GLY B 202 26.92 -30.35 -8.33
CA GLY B 202 26.04 -29.21 -8.56
C GLY B 202 26.28 -28.05 -7.59
N ASN B 203 25.25 -27.25 -7.33
CA ASN B 203 25.38 -26.04 -6.52
C ASN B 203 25.52 -26.33 -5.02
N ILE B 204 26.57 -25.82 -4.40
CA ILE B 204 26.74 -26.11 -2.99
C ILE B 204 26.67 -24.81 -2.24
N GLU B 205 25.66 -24.70 -1.39
CA GLU B 205 25.40 -23.45 -0.67
C GLU B 205 26.49 -23.06 0.30
N ILE B 206 26.84 -21.77 0.28
CA ILE B 206 27.81 -21.22 1.21
C ILE B 206 27.10 -20.53 2.40
N PRO B 207 27.46 -20.88 3.63
CA PRO B 207 26.88 -20.22 4.81
C PRO B 207 27.20 -18.72 4.72
N GLU B 208 26.29 -17.83 5.06
CA GLU B 208 26.53 -16.40 4.82
C GLU B 208 27.69 -15.89 5.65
N LYS B 209 27.98 -16.60 6.71
CA LYS B 209 29.03 -16.17 7.59
C LYS B 209 30.34 -16.19 6.82
N LEU B 210 30.44 -17.07 5.82
CA LEU B 210 31.67 -17.16 5.07
C LEU B 210 31.71 -16.13 3.94
N LEU B 211 30.64 -15.37 3.78
CA LEU B 211 30.54 -14.38 2.74
C LEU B 211 30.25 -13.05 3.39
N ASN B 212 31.16 -12.58 4.22
CA ASN B 212 30.85 -11.38 4.94
C ASN B 212 31.72 -10.24 4.47
N THR B 213 32.32 -10.35 3.29
CA THR B 213 33.11 -9.23 2.82
C THR B 213 32.65 -8.73 1.50
N GLY B 214 33.14 -7.53 1.16
CA GLY B 214 32.77 -6.91 -0.08
C GLY B 214 31.31 -6.50 -0.03
N SER B 215 30.85 -5.90 -1.11
CA SER B 215 29.50 -5.42 -1.18
C SER B 215 28.46 -6.55 -1.11
N LEU B 216 28.79 -7.74 -1.62
CA LEU B 216 27.89 -8.89 -1.44
C LEU B 216 27.80 -9.20 0.07
N GLY B 217 28.93 -9.21 0.76
CA GLY B 217 28.94 -9.41 2.20
C GLY B 217 28.13 -8.35 2.92
N GLY B 218 28.24 -7.11 2.43
CA GLY B 218 27.46 -6.00 2.95
C GLY B 218 25.96 -6.21 2.79
N LEU B 219 25.55 -6.72 1.64
CA LEU B 219 24.15 -6.98 1.39
C LEU B 219 23.61 -8.06 2.30
N LEU B 220 24.38 -9.14 2.45
CA LEU B 220 23.96 -10.29 3.22
C LEU B 220 23.85 -9.93 4.68
N THR B 221 24.81 -9.18 5.19
CA THR B 221 24.79 -8.76 6.57
C THR B 221 23.67 -7.73 6.85
N PHE B 222 23.48 -6.78 5.93
CA PHE B 222 22.38 -5.82 6.12
C PHE B 222 21.05 -6.58 6.19
N ARG B 223 20.86 -7.50 5.26
CA ARG B 223 19.62 -8.24 5.20
C ARG B 223 19.33 -9.00 6.49
N SER B 224 20.27 -9.85 6.90
CA SER B 224 20.10 -10.67 8.09
C SER B 224 20.14 -9.93 9.40
N GLN B 225 21.05 -8.96 9.56
CA GLN B 225 21.18 -8.25 10.83
C GLN B 225 20.29 -7.01 11.01
N ASP B 226 20.00 -6.34 9.90
CA ASP B 226 19.26 -5.08 9.99
C ASP B 226 17.83 -5.14 9.42
N LEU B 227 17.70 -5.57 8.16
CA LEU B 227 16.41 -5.63 7.49
C LEU B 227 15.48 -6.66 8.15
N ASP B 228 15.96 -7.88 8.37
CA ASP B 228 15.11 -8.87 8.99
C ASP B 228 14.72 -8.36 10.37
N GLN B 229 15.68 -7.77 11.08
CA GLN B 229 15.38 -7.35 12.46
C GLN B 229 14.37 -6.21 12.46
N THR B 230 14.47 -5.32 11.47
CA THR B 230 13.55 -4.20 11.42
C THR B 230 12.15 -4.75 11.15
N ARG B 231 12.06 -5.65 10.19
CA ARG B 231 10.77 -6.27 9.89
C ARG B 231 10.17 -7.01 11.10
N ASN B 232 11.01 -7.73 11.86
CA ASN B 232 10.50 -8.45 13.01
C ASN B 232 10.08 -7.52 14.15
N THR B 233 10.81 -6.43 14.35
CA THR B 233 10.45 -5.49 15.40
C THR B 233 9.13 -4.81 15.05
N LEU B 234 8.98 -4.47 13.78
CA LEU B 234 7.74 -3.89 13.31
C LEU B 234 6.60 -4.90 13.37
N GLY B 235 6.87 -6.15 13.00
CA GLY B 235 5.86 -7.19 13.00
C GLY B 235 5.34 -7.53 14.40
N GLN B 236 6.26 -7.55 15.36
CA GLN B 236 5.98 -7.79 16.76
C GLN B 236 5.03 -6.73 17.26
N LEU B 237 5.34 -5.47 16.95
CA LEU B 237 4.47 -4.36 17.36
C LEU B 237 3.06 -4.52 16.83
N ALA B 238 2.92 -4.74 15.52
CA ALA B 238 1.61 -4.95 14.96
C ALA B 238 0.84 -6.09 15.63
N LEU B 239 1.52 -7.21 15.80
CA LEU B 239 0.90 -8.41 16.33
C LEU B 239 0.45 -8.18 17.76
N ALA B 240 1.33 -7.59 18.55
CA ALA B 240 1.02 -7.32 19.95
C ALA B 240 -0.16 -6.38 20.02
N PHE B 241 -0.17 -5.40 19.12
CA PHE B 241 -1.26 -4.44 19.09
C PHE B 241 -2.56 -5.13 18.75
N ALA B 242 -2.58 -5.83 17.62
CA ALA B 242 -3.79 -6.44 17.16
C ALA B 242 -4.38 -7.41 18.21
N ASP B 243 -3.58 -8.38 18.64
CA ASP B 243 -4.01 -9.35 19.65
C ASP B 243 -4.45 -8.72 20.98
N ALA B 244 -3.71 -7.76 21.50
CA ALA B 244 -4.15 -7.12 22.75
C ALA B 244 -5.50 -6.36 22.54
N PHE B 245 -5.61 -5.59 21.46
CA PHE B 245 -6.86 -4.91 21.16
C PHE B 245 -8.00 -5.92 20.96
N ASN B 246 -7.73 -7.00 20.25
CA ASN B 246 -8.74 -8.02 19.96
C ASN B 246 -9.27 -8.70 21.23
N ALA B 247 -8.37 -9.10 22.12
CA ALA B 247 -8.75 -9.80 23.33
C ALA B 247 -9.66 -8.94 24.19
N GLN B 248 -9.31 -7.67 24.33
CA GLN B 248 -10.13 -6.77 25.14
C GLN B 248 -11.45 -6.46 24.48
N HIS B 249 -11.45 -6.41 23.13
CA HIS B 249 -12.68 -6.06 22.37
C HIS B 249 -13.73 -7.19 22.44
N THR B 250 -13.29 -8.44 22.40
CA THR B 250 -14.24 -9.56 22.50
C THR B 250 -14.80 -9.77 23.92
N LYS B 251 -14.34 -8.97 24.88
CA LYS B 251 -14.87 -9.06 26.24
C LYS B 251 -16.00 -8.06 26.45
N GLY B 252 -16.25 -7.25 25.43
CA GLY B 252 -17.28 -6.24 25.51
C GLY B 252 -18.54 -6.56 24.72
N TYR B 253 -19.44 -5.59 24.68
CA TYR B 253 -20.70 -5.77 23.97
C TYR B 253 -21.00 -4.60 23.04
N ASP B 254 -21.58 -4.97 21.90
CA ASP B 254 -22.03 -4.10 20.80
C ASP B 254 -22.89 -2.90 21.14
N ALA B 255 -23.47 -2.34 20.08
CA ALA B 255 -24.47 -1.29 20.16
C ALA B 255 -25.82 -2.00 20.17
N ASP B 256 -25.77 -3.28 19.80
CA ASP B 256 -26.96 -4.13 19.77
C ASP B 256 -26.95 -5.10 20.95
N GLY B 257 -25.89 -5.07 21.75
CA GLY B 257 -25.78 -5.94 22.89
C GLY B 257 -25.17 -7.29 22.57
N ASN B 258 -24.58 -7.40 21.39
CA ASN B 258 -23.96 -8.65 21.00
C ASN B 258 -22.50 -8.62 21.45
N LYS B 259 -21.92 -9.79 21.67
CA LYS B 259 -20.53 -9.89 22.11
C LYS B 259 -19.58 -9.41 21.01
N GLY B 260 -18.65 -8.53 21.37
CA GLY B 260 -17.63 -8.07 20.44
C GLY B 260 -16.84 -9.20 19.78
N LYS B 261 -16.51 -9.00 18.50
CA LYS B 261 -15.72 -9.93 17.70
C LYS B 261 -14.30 -9.39 17.52
N ASP B 262 -13.42 -10.17 16.90
CA ASP B 262 -12.06 -9.70 16.70
C ASP B 262 -12.16 -8.41 15.87
N PHE B 263 -11.47 -7.35 16.26
CA PHE B 263 -11.56 -6.07 15.55
C PHE B 263 -10.62 -6.08 14.35
N PHE B 264 -9.46 -6.72 14.53
CA PHE B 264 -8.42 -6.81 13.51
C PHE B 264 -8.06 -8.25 13.16
N SER B 265 -7.63 -8.47 11.93
CA SER B 265 -7.04 -9.75 11.61
C SER B 265 -5.53 -9.50 11.56
N ILE B 266 -4.73 -10.55 11.72
CA ILE B 266 -3.29 -10.42 11.70
C ILE B 266 -2.74 -11.68 11.08
N GLY B 267 -1.64 -11.54 10.35
CA GLY B 267 -1.04 -12.66 9.67
C GLY B 267 -0.44 -13.61 10.68
N SER B 268 -0.37 -14.87 10.29
CA SER B 268 0.10 -15.95 11.16
C SER B 268 1.57 -16.27 10.95
N PRO B 269 2.13 -16.98 11.90
CA PRO B 269 3.49 -17.49 11.79
C PRO B 269 3.59 -18.42 10.62
N VAL B 270 4.78 -18.51 10.07
CA VAL B 270 5.04 -19.42 8.99
C VAL B 270 6.29 -20.24 9.37
N VAL B 271 6.34 -21.52 8.98
CA VAL B 271 7.50 -22.34 9.27
C VAL B 271 7.95 -23.01 8.01
N TYR B 272 9.23 -22.89 7.70
CA TYR B 272 9.67 -23.47 6.46
C TYR B 272 10.49 -24.73 6.77
N SER B 273 10.25 -25.82 6.05
CA SER B 273 11.07 -27.02 6.21
C SER B 273 12.39 -26.90 5.42
N ASN B 274 13.49 -27.13 6.10
CA ASN B 274 14.80 -27.06 5.45
C ASN B 274 14.84 -28.04 4.27
N SER B 275 15.28 -27.58 3.10
CA SER B 275 15.29 -28.46 1.95
C SER B 275 16.22 -29.66 2.12
N ASN B 276 17.11 -29.63 3.11
CA ASN B 276 17.99 -30.77 3.36
C ASN B 276 17.33 -31.81 4.26
N ASN B 277 16.08 -31.57 4.63
CA ASN B 277 15.40 -32.52 5.51
C ASN B 277 15.21 -33.89 4.86
N ALA B 278 15.24 -34.93 5.68
CA ALA B 278 15.12 -36.31 5.23
C ALA B 278 13.82 -36.59 4.49
N ASP B 279 12.73 -36.07 4.99
CA ASP B 279 11.41 -36.35 4.45
C ASP B 279 10.68 -35.02 4.20
N LYS B 280 10.40 -34.74 2.93
CA LYS B 280 9.75 -33.48 2.53
C LYS B 280 8.31 -33.29 3.01
N THR B 281 7.68 -34.36 3.49
CA THR B 281 6.31 -34.24 3.97
C THR B 281 6.26 -33.82 5.43
N VAL B 282 7.40 -33.77 6.09
CA VAL B 282 7.39 -33.38 7.49
C VAL B 282 7.33 -31.86 7.59
N SER B 283 6.31 -31.37 8.26
CA SER B 283 6.05 -29.94 8.37
C SER B 283 5.72 -29.57 9.79
N LEU B 284 5.99 -28.32 10.14
CA LEU B 284 5.69 -27.75 11.45
C LEU B 284 4.75 -26.56 11.24
N THR B 285 3.82 -26.34 12.14
CA THR B 285 3.00 -25.14 12.07
C THR B 285 3.09 -24.48 13.43
N ALA B 286 2.71 -23.22 13.53
CA ALA B 286 2.86 -22.49 14.76
C ALA B 286 1.74 -21.51 14.95
N LYS B 287 1.33 -21.36 16.21
CA LYS B 287 0.23 -20.47 16.53
C LYS B 287 0.56 -19.65 17.75
N VAL B 288 0.18 -18.39 17.70
CA VAL B 288 0.46 -17.53 18.80
C VAL B 288 -0.57 -17.84 19.88
N VAL B 289 -0.11 -18.03 21.12
CA VAL B 289 -1.03 -18.27 22.22
C VAL B 289 -0.91 -17.14 23.24
N ASP B 290 0.23 -16.44 23.25
CA ASP B 290 0.40 -15.29 24.16
C ASP B 290 1.24 -14.23 23.46
N SER B 291 0.54 -13.26 22.89
CA SER B 291 1.18 -12.23 22.10
C SER B 291 2.13 -11.38 22.89
N THR B 292 1.95 -11.27 24.21
CA THR B 292 2.86 -10.41 24.99
C THR B 292 4.22 -11.06 25.16
N LYS B 293 4.32 -12.32 24.77
CA LYS B 293 5.56 -13.07 24.92
C LYS B 293 6.29 -13.17 23.60
N VAL B 294 5.58 -12.88 22.50
CA VAL B 294 6.17 -12.99 21.17
C VAL B 294 7.34 -12.02 21.02
N GLN B 295 8.49 -12.56 20.60
CA GLN B 295 9.71 -11.78 20.43
C GLN B 295 9.93 -11.40 18.95
N ALA B 296 10.66 -10.31 18.74
CA ALA B 296 11.04 -9.83 17.42
C ALA B 296 12.24 -10.63 16.94
N THR B 297 12.01 -11.86 16.49
CA THR B 297 13.08 -12.74 16.04
C THR B 297 12.43 -13.88 15.23
N ASP B 298 13.26 -14.59 14.47
CA ASP B 298 12.89 -15.88 13.90
C ASP B 298 13.53 -16.99 14.77
N TYR B 299 13.21 -18.25 14.50
CA TYR B 299 13.74 -19.38 15.27
C TYR B 299 14.18 -20.51 14.36
N LYS B 300 15.43 -20.94 14.51
CA LYS B 300 15.93 -22.11 13.81
C LYS B 300 15.60 -23.25 14.78
N ILE B 301 14.88 -24.26 14.30
CA ILE B 301 14.45 -25.36 15.13
C ILE B 301 14.97 -26.67 14.55
N VAL B 302 15.78 -27.36 15.33
CA VAL B 302 16.44 -28.58 14.88
C VAL B 302 16.09 -29.74 15.82
N PHE B 303 15.58 -30.82 15.24
CA PHE B 303 15.27 -32.01 16.01
C PHE B 303 16.56 -32.84 16.10
N ASP B 304 17.00 -33.19 17.31
CA ASP B 304 18.24 -33.98 17.45
C ASP B 304 18.01 -35.50 17.54
N GLY B 305 16.78 -35.91 17.28
CA GLY B 305 16.45 -37.32 17.37
C GLY B 305 15.65 -37.51 18.65
N THR B 306 15.84 -36.61 19.59
CA THR B 306 15.16 -36.80 20.86
C THR B 306 14.45 -35.58 21.32
N ASP B 307 15.15 -34.47 21.24
CA ASP B 307 14.61 -33.21 21.69
C ASP B 307 14.76 -32.19 20.58
N TRP B 308 14.08 -31.07 20.75
CA TRP B 308 14.02 -30.04 19.74
C TRP B 308 14.87 -28.86 20.17
N GLN B 309 15.95 -28.62 19.43
CA GLN B 309 16.92 -27.55 19.73
C GLN B 309 16.57 -26.23 19.02
N VAL B 310 16.46 -25.14 19.78
CA VAL B 310 15.98 -23.85 19.26
C VAL B 310 17.00 -22.74 19.39
N THR B 311 17.13 -21.95 18.31
CA THR B 311 18.05 -20.81 18.21
C THR B 311 17.29 -19.58 17.73
N ARG B 312 17.33 -18.52 18.52
CA ARG B 312 16.68 -17.25 18.18
C ARG B 312 17.64 -16.51 17.25
N THR B 313 17.24 -16.23 16.01
CA THR B 313 18.11 -15.57 15.05
C THR B 313 18.51 -14.18 15.47
N ALA B 314 17.68 -13.51 16.28
CA ALA B 314 17.97 -12.13 16.63
C ALA B 314 19.21 -11.95 17.50
N ASP B 315 19.42 -12.87 18.44
CA ASP B 315 20.52 -12.71 19.38
C ASP B 315 21.38 -13.94 19.51
N ASN B 316 21.05 -14.95 18.74
CA ASN B 316 21.79 -16.20 18.81
C ASN B 316 21.60 -16.94 20.12
N THR B 317 20.59 -16.61 20.92
CA THR B 317 20.41 -17.42 22.13
C THR B 317 19.83 -18.79 21.79
N THR B 318 20.09 -19.78 22.63
CA THR B 318 19.60 -21.12 22.35
C THR B 318 18.91 -21.67 23.56
N PHE B 319 18.14 -22.71 23.33
CA PHE B 319 17.45 -23.39 24.40
C PHE B 319 16.77 -24.62 23.83
N THR B 320 16.53 -25.60 24.69
CA THR B 320 15.87 -26.82 24.28
C THR B 320 14.40 -26.60 24.61
N ALA B 321 13.52 -26.65 23.60
CA ALA B 321 12.13 -26.35 23.87
C ALA B 321 11.52 -27.43 24.73
N THR B 322 10.56 -27.04 25.56
CA THR B 322 9.77 -27.97 26.37
C THR B 322 8.48 -28.13 25.58
N LYS B 323 7.65 -29.10 25.91
CA LYS B 323 6.40 -29.30 25.19
C LYS B 323 5.20 -29.26 26.12
N ASP B 324 4.06 -28.83 25.58
CA ASP B 324 2.87 -28.81 26.39
C ASP B 324 2.31 -30.23 26.49
N ALA B 325 1.09 -30.36 26.98
CA ALA B 325 0.50 -31.69 27.17
C ALA B 325 0.20 -32.35 25.83
N ASP B 326 0.11 -31.56 24.78
CA ASP B 326 -0.23 -32.16 23.51
C ASP B 326 0.99 -32.46 22.66
N GLY B 327 2.19 -32.30 23.21
CA GLY B 327 3.39 -32.51 22.43
C GLY B 327 3.77 -31.31 21.53
N LYS B 328 3.15 -30.15 21.70
CA LYS B 328 3.53 -28.98 20.86
C LYS B 328 4.75 -28.18 21.44
N LEU B 329 5.73 -27.79 20.64
CA LEU B 329 6.84 -27.02 21.21
C LEU B 329 6.39 -25.69 21.83
N GLU B 330 6.96 -25.32 22.96
CA GLU B 330 6.61 -24.07 23.61
C GLU B 330 7.73 -23.05 23.40
N ILE B 331 7.49 -22.10 22.51
CA ILE B 331 8.51 -21.12 22.11
C ILE B 331 7.95 -19.69 22.23
N ASP B 332 8.48 -18.94 23.19
CA ASP B 332 8.14 -17.53 23.37
C ASP B 332 6.72 -17.13 22.96
N GLY B 333 5.71 -17.61 23.70
CA GLY B 333 4.33 -17.25 23.42
C GLY B 333 3.71 -17.93 22.19
N LEU B 334 4.43 -18.91 21.62
CA LEU B 334 3.87 -19.64 20.51
C LEU B 334 3.85 -21.12 20.84
N LYS B 335 2.95 -21.85 20.19
CA LYS B 335 2.94 -23.31 20.30
C LYS B 335 3.17 -23.88 18.91
N VAL B 336 4.13 -24.77 18.78
CA VAL B 336 4.40 -25.32 17.48
C VAL B 336 4.06 -26.77 17.38
N THR B 337 3.31 -27.13 16.35
CA THR B 337 2.92 -28.49 16.13
C THR B 337 3.94 -29.15 15.24
N VAL B 338 4.50 -30.27 15.69
CA VAL B 338 5.51 -30.94 14.90
C VAL B 338 4.99 -32.22 14.23
N GLY B 339 3.80 -32.64 14.63
CA GLY B 339 3.20 -33.81 14.00
C GLY B 339 4.08 -35.03 14.17
N THR B 340 4.36 -35.77 13.09
CA THR B 340 5.18 -36.95 13.19
C THR B 340 6.09 -37.06 11.99
N GLY B 341 7.20 -37.76 12.14
CA GLY B 341 8.08 -38.00 11.02
C GLY B 341 9.44 -37.34 11.09
N ALA B 342 9.61 -36.33 11.95
CA ALA B 342 10.90 -35.65 12.02
C ALA B 342 12.04 -36.65 12.26
N GLN B 343 13.16 -36.45 11.59
CA GLN B 343 14.34 -37.27 11.83
C GLN B 343 15.48 -36.42 12.38
N LYS B 344 16.44 -37.08 13.02
CA LYS B 344 17.57 -36.39 13.57
C LYS B 344 18.17 -35.44 12.50
N ASN B 345 18.56 -34.24 12.93
CA ASN B 345 19.13 -33.23 12.06
C ASN B 345 18.13 -32.45 11.18
N ASP B 346 16.85 -32.82 11.17
CA ASP B 346 15.86 -32.07 10.38
C ASP B 346 15.79 -30.65 10.92
N SER B 347 15.66 -29.66 10.04
CA SER B 347 15.66 -28.28 10.52
C SER B 347 14.45 -27.53 9.97
N PHE B 348 14.00 -26.52 10.70
CA PHE B 348 12.82 -25.73 10.37
C PHE B 348 13.09 -24.31 10.78
N LEU B 349 12.56 -23.36 10.00
CA LEU B 349 12.73 -21.96 10.23
C LEU B 349 11.38 -21.37 10.54
N LEU B 350 11.21 -20.90 11.78
CA LEU B 350 9.90 -20.37 12.17
C LEU B 350 10.00 -18.85 12.20
N LYS B 351 9.06 -18.19 11.52
CA LYS B 351 8.90 -16.73 11.48
C LYS B 351 7.52 -16.37 12.08
N PRO B 352 7.56 -15.95 13.34
CA PRO B 352 6.33 -15.67 14.10
C PRO B 352 5.63 -14.41 13.65
N VAL B 353 6.37 -13.41 13.18
CA VAL B 353 5.74 -12.15 12.82
C VAL B 353 6.01 -11.49 11.46
N SER B 354 6.87 -12.09 10.63
CA SER B 354 7.23 -11.41 9.40
C SER B 354 6.09 -11.26 8.40
N ASN B 355 5.07 -12.11 8.51
CA ASN B 355 3.87 -11.96 7.71
C ASN B 355 2.73 -11.36 8.53
N ALA B 356 3.02 -10.85 9.72
CA ALA B 356 1.95 -10.30 10.54
C ALA B 356 1.15 -9.19 9.84
N ILE B 357 1.87 -8.25 9.24
CA ILE B 357 1.28 -7.05 8.68
C ILE B 357 0.62 -7.23 7.31
N VAL B 358 1.26 -8.00 6.46
CA VAL B 358 0.77 -8.16 5.11
C VAL B 358 -0.66 -8.66 5.11
N ASP B 359 -1.00 -9.47 6.11
CA ASP B 359 -2.35 -9.97 6.19
C ASP B 359 -3.14 -9.25 7.28
N MET B 360 -2.66 -8.10 7.71
CA MET B 360 -3.39 -7.33 8.73
C MET B 360 -4.58 -6.59 8.08
N ASN B 361 -5.67 -6.47 8.80
CA ASN B 361 -6.81 -5.68 8.32
C ASN B 361 -7.90 -5.50 9.32
N VAL B 362 -8.82 -4.59 9.01
CA VAL B 362 -9.86 -4.22 9.93
C VAL B 362 -11.05 -5.10 9.63
N LYS B 363 -11.45 -5.92 10.59
CA LYS B 363 -12.62 -6.78 10.44
C LYS B 363 -13.91 -6.05 10.84
N VAL B 364 -13.82 -5.15 11.79
CA VAL B 364 -15.01 -4.47 12.25
C VAL B 364 -15.18 -3.17 11.48
N THR B 365 -16.08 -3.20 10.50
CA THR B 365 -16.39 -2.03 9.69
C THR B 365 -17.81 -1.51 9.89
N ASN B 366 -18.57 -2.23 10.70
CA ASN B 366 -19.93 -1.81 11.03
C ASN B 366 -19.92 -0.95 12.29
N GLU B 367 -20.43 0.28 12.18
CA GLU B 367 -20.46 1.18 13.34
C GLU B 367 -21.04 0.53 14.63
N ALA B 368 -22.09 -0.28 14.47
CA ALA B 368 -22.79 -0.86 15.59
C ALA B 368 -22.02 -2.00 16.28
N GLU B 369 -21.08 -2.57 15.55
CA GLU B 369 -20.30 -3.70 16.04
C GLU B 369 -19.12 -3.37 16.89
N ILE B 370 -18.89 -2.08 17.16
CA ILE B 370 -17.80 -1.71 18.04
C ILE B 370 -18.22 -1.93 19.50
N ALA B 371 -17.50 -2.80 20.23
CA ALA B 371 -17.83 -3.14 21.65
C ALA B 371 -17.40 -2.15 22.74
N MET B 372 -18.17 -1.08 22.90
CA MET B 372 -17.87 -0.12 23.98
C MET B 372 -18.35 -0.58 25.38
N ALA B 373 -19.33 -1.47 25.42
CA ALA B 373 -19.97 -1.92 26.67
C ALA B 373 -19.33 -3.15 27.36
N SER B 374 -19.34 -3.13 28.69
CA SER B 374 -18.81 -4.21 29.53
C SER B 374 -19.91 -5.22 29.85
N GLU B 375 -21.16 -4.81 29.66
CA GLU B 375 -22.30 -5.65 29.94
C GLU B 375 -23.32 -5.57 28.82
N SER B 376 -23.85 -6.72 28.42
CA SER B 376 -24.84 -6.75 27.38
C SER B 376 -26.12 -6.10 27.85
N LYS B 377 -26.69 -5.25 27.00
CA LYS B 377 -27.95 -4.60 27.35
C LYS B 377 -29.13 -5.56 27.19
N LEU B 378 -28.94 -6.61 26.39
CA LEU B 378 -29.98 -7.61 26.26
C LEU B 378 -30.32 -8.17 27.64
N ASP B 379 -29.30 -8.72 28.29
CA ASP B 379 -29.40 -9.27 29.64
C ASP B 379 -30.02 -8.28 30.63
N PRO B 380 -31.10 -8.68 31.28
CA PRO B 380 -31.78 -7.84 32.27
C PRO B 380 -30.95 -7.59 33.53
N SER B 387 -24.65 3.24 26.45
CA SER B 387 -24.11 4.21 27.44
C SER B 387 -23.10 3.55 28.37
N ASP B 388 -22.92 2.27 28.17
CA ASP B 388 -21.91 1.54 28.92
C ASP B 388 -20.64 1.69 28.10
N ASN B 389 -19.67 2.40 28.63
CA ASN B 389 -18.44 2.59 27.89
C ASN B 389 -17.28 1.95 28.61
N ARG B 390 -17.60 1.01 29.50
CA ARG B 390 -16.58 0.38 30.31
C ARG B 390 -15.51 -0.37 29.50
N ASN B 391 -15.94 -1.19 28.55
CA ASN B 391 -15.01 -1.93 27.70
C ASN B 391 -14.14 -0.97 26.87
N GLY B 392 -14.74 0.13 26.42
CA GLY B 392 -14.04 1.14 25.68
C GLY B 392 -12.89 1.77 26.45
N GLN B 393 -13.10 2.04 27.75
CA GLN B 393 -12.04 2.61 28.55
C GLN B 393 -10.91 1.61 28.70
N ALA B 394 -11.27 0.34 28.83
CA ALA B 394 -10.25 -0.69 28.95
C ALA B 394 -9.43 -0.75 27.65
N LEU B 395 -10.09 -0.66 26.52
CA LEU B 395 -9.43 -0.63 25.22
C LEU B 395 -8.51 0.58 25.14
N LEU B 396 -9.01 1.70 25.59
CA LEU B 396 -8.24 2.93 25.60
C LEU B 396 -7.02 2.81 26.50
N ASP B 397 -7.15 2.06 27.60
CA ASP B 397 -6.04 1.88 28.56
C ASP B 397 -4.93 1.00 28.01
N LEU B 398 -5.20 0.30 26.91
CA LEU B 398 -4.16 -0.53 26.30
C LEU B 398 -2.93 0.26 25.87
N GLN B 399 -3.11 1.52 25.46
CA GLN B 399 -1.97 2.33 25.02
C GLN B 399 -1.00 2.65 26.12
N ASN B 400 -1.34 2.32 27.37
CA ASN B 400 -0.43 2.60 28.46
C ASN B 400 0.17 1.36 29.06
N SER B 401 -0.31 0.17 28.69
CA SER B 401 0.26 -1.04 29.28
C SER B 401 1.34 -1.70 28.43
N ASN B 402 2.27 -2.37 29.10
CA ASN B 402 3.41 -3.02 28.43
C ASN B 402 3.09 -4.38 27.85
N VAL B 403 2.42 -4.38 26.70
CA VAL B 403 2.09 -5.64 26.08
C VAL B 403 3.06 -6.02 24.98
N VAL B 404 3.95 -5.10 24.59
CA VAL B 404 4.90 -5.43 23.54
C VAL B 404 6.14 -5.99 24.20
N GLY B 405 6.41 -7.26 23.94
CA GLY B 405 7.54 -7.90 24.56
C GLY B 405 7.27 -8.04 26.05
N GLY B 406 6.11 -7.55 26.48
CA GLY B 406 5.78 -7.58 27.89
C GLY B 406 6.62 -6.57 28.65
N ASN B 407 7.17 -5.57 27.95
CA ASN B 407 7.93 -4.52 28.60
C ASN B 407 7.94 -3.17 27.89
N LYS B 408 7.05 -3.00 26.93
CA LYS B 408 6.95 -1.75 26.17
C LYS B 408 5.50 -1.51 25.75
N THR B 409 5.08 -0.24 25.76
CA THR B 409 3.78 0.15 25.23
C THR B 409 3.95 0.29 23.72
N PHE B 410 2.84 0.36 22.99
CA PHE B 410 2.89 0.52 21.55
C PHE B 410 3.83 1.67 21.20
N ASN B 411 3.58 2.84 21.78
CA ASN B 411 4.37 4.03 21.51
C ASN B 411 5.84 3.82 21.84
N ASP B 412 6.14 3.19 22.97
CA ASP B 412 7.51 2.90 23.37
C ASP B 412 8.17 1.98 22.33
N ALA B 413 7.45 0.99 21.86
CA ALA B 413 7.98 0.01 20.92
C ALA B 413 8.42 0.71 19.62
N TYR B 414 7.55 1.55 19.09
CA TYR B 414 7.86 2.27 17.89
C TYR B 414 9.01 3.22 18.09
N ALA B 415 8.92 4.08 19.11
CA ALA B 415 9.99 5.06 19.33
C ALA B 415 11.33 4.37 19.50
N THR B 416 11.31 3.15 20.05
CA THR B 416 12.54 2.40 20.26
C THR B 416 13.10 1.84 18.93
N LEU B 417 12.22 1.46 18.01
CA LEU B 417 12.65 0.99 16.70
C LEU B 417 13.34 2.15 15.95
N VAL B 418 12.72 3.33 16.01
CA VAL B 418 13.23 4.52 15.32
C VAL B 418 14.63 4.86 15.85
N SER B 419 14.69 4.96 17.16
CA SER B 419 15.90 5.33 17.84
C SER B 419 16.97 4.30 17.57
N ASP B 420 16.58 3.03 17.56
CA ASP B 420 17.50 1.96 17.32
C ASP B 420 18.04 1.99 15.87
N VAL B 421 17.15 2.27 14.92
CA VAL B 421 17.56 2.37 13.53
C VAL B 421 18.48 3.59 13.40
N GLY B 422 18.11 4.67 14.07
CA GLY B 422 18.90 5.88 14.01
C GLY B 422 20.31 5.62 14.49
N ASN B 423 20.41 5.05 15.68
CA ASN B 423 21.70 4.79 16.29
C ASN B 423 22.58 3.84 15.51
N LYS B 424 21.95 2.80 14.98
CA LYS B 424 22.67 1.86 14.17
C LYS B 424 23.18 2.52 12.89
N THR B 425 22.34 3.33 12.26
CA THR B 425 22.75 4.03 11.04
C THR B 425 23.96 4.94 11.32
N SER B 426 23.95 5.65 12.44
CA SER B 426 25.10 6.51 12.72
C SER B 426 26.39 5.77 13.10
N THR B 427 26.32 4.60 13.75
CA THR B 427 27.57 3.89 14.03
C THR B 427 28.10 3.34 12.71
N LEU B 428 27.17 2.89 11.85
CA LEU B 428 27.51 2.40 10.53
C LEU B 428 28.21 3.48 9.69
N LYS B 429 27.71 4.70 9.78
CA LYS B 429 28.27 5.81 9.01
C LYS B 429 29.66 6.10 9.51
N THR B 430 29.81 6.19 10.82
CA THR B 430 31.13 6.44 11.41
C THR B 430 32.08 5.30 11.06
N SER B 431 31.60 4.05 11.12
CA SER B 431 32.44 2.89 10.75
C SER B 431 32.90 2.93 9.29
N SER B 432 31.99 3.24 8.39
CA SER B 432 32.36 3.24 6.99
C SER B 432 33.30 4.38 6.68
N THR B 433 33.09 5.52 7.35
CA THR B 433 33.94 6.67 7.15
C THR B 433 35.33 6.35 7.62
N THR B 434 35.39 5.78 8.81
CA THR B 434 36.65 5.38 9.43
C THR B 434 37.38 4.41 8.53
N GLN B 435 36.67 3.37 8.10
CA GLN B 435 37.30 2.35 7.30
C GLN B 435 37.65 2.87 5.92
N ALA B 436 36.84 3.79 5.39
CA ALA B 436 37.20 4.42 4.11
C ALA B 436 38.49 5.26 4.24
N ASN B 437 38.72 5.80 5.44
CA ASN B 437 39.93 6.59 5.64
C ASN B 437 41.16 5.68 5.70
N VAL B 438 40.95 4.41 6.05
CA VAL B 438 42.02 3.42 6.08
C VAL B 438 42.50 3.10 4.66
N VAL B 439 41.56 3.13 3.73
CA VAL B 439 41.86 2.85 2.32
C VAL B 439 42.70 3.97 1.72
N LYS B 440 42.36 5.21 2.08
CA LYS B 440 43.07 6.39 1.62
C LYS B 440 44.48 6.45 2.21
N GLN B 441 44.59 6.04 3.46
CA GLN B 441 45.86 6.01 4.17
C GLN B 441 46.77 4.91 3.62
N LEU B 442 46.17 3.83 3.15
CA LEU B 442 46.93 2.69 2.62
C LEU B 442 47.31 2.92 1.18
N TYR B 443 46.35 3.44 0.43
CA TYR B 443 46.56 3.72 -0.95
C TYR B 443 47.79 4.61 -1.10
N LYS B 444 47.89 5.61 -0.22
CA LYS B 444 49.01 6.52 -0.30
C LYS B 444 50.26 6.01 0.43
N GLN B 445 50.11 4.94 1.20
CA GLN B 445 51.24 4.38 1.94
C GLN B 445 52.30 3.93 0.93
N GLN B 446 51.84 3.35 -0.17
CA GLN B 446 52.73 2.89 -1.23
C GLN B 446 52.52 3.74 -2.49
#